data_3SDV
#
_entry.id   3SDV
#
_cell.length_a   156.771
_cell.length_b   55.002
_cell.length_c   127.290
_cell.angle_alpha   90.00
_cell.angle_beta   119.30
_cell.angle_gamma   90.00
#
_symmetry.space_group_name_H-M   'C 1 2 1'
#
loop_
_entity.id
_entity.type
_entity.pdbx_description
1 polymer 'Alpha-bisabolene synthase'
2 non-polymer 'CHLORIDE ION'
3 non-polymer 'MAGNESIUM ION'
4 non-polymer '(1-hydroxyethane-1,1-diyl)bis(phosphonic acid)'
5 water water
#
_entity_poly.entity_id   1
_entity_poly.type   'polypeptide(L)'
_entity_poly.pdbx_seq_one_letter_code
;MAGVSAVSKVSSLVCDLSSTSGLIRRTANPHPNVWGYDLVHSLKSPYIDSSYRERAEVLVSEIKAMLNPAITGDGESMIT
PSAYDTAWVARVPAIDGSARPQFPQTVDWILKNQLKDGSWGIQSHFLLSDRLLATLSCVLVLLKWNVGDLQVEQGIEFIK
SNLELVKDETDQDSLVTDFEIIFPSLLREAQSLRLGLPYDLPYIHLLQTKRQERLAKLSREEIYAVPSPLLYSLEGIQDI
VEWERIMEVQSQDGSFLSSPASTACVFMHTGDAKCLEFLNSVMIKFGNFVPCLYPVDLLERLLIVDNIVRLGIYRHFEKE
IKEALDYVYRHWNERGIGWGRLNPIADLETTALGFRLLRLHRYNVSPAIFDNFKDANGKFICSTGQFNKDVASMLNLYRA
SQLAFPGENILDEAKSFATKYLREALEKSETSSAWNNKQNLSQEIKYALKTSWHASVPRVEAKRYCQVYRPDYARIAKCV
YKLPYVNNEKFLELGKLDFNIIQSIHQEEMKNVTSWFRDSGLPLFTFARERPLEFYFLVAAGTYEPQYAKCRFLFTKVAC
LQTVLDDMYDTYGTLDELKLFTEAVRRWDLSFTENLPDYMKLCYQIYYDIVHEVAWEAEKEQGRELVSFFRKGWEDYLLG
YYEEAEWLAAEYVPTLDEYIKNGITSIGQRILLLSGVLIMDGQLLSQEALEKVDYPGRRVLTELNSLISRLADDTKTYKA
EKARGELASSIECYMKDHPECTEEEALDHIYSILEPAVKELTREFLKPDDVPFACKKMLFEETRVTMVIFKDGDGFGVSK
LEVKDHIKECLIEPLPL
;
_entity_poly.pdbx_strand_id   A
#
loop_
_chem_comp.id
_chem_comp.type
_chem_comp.name
_chem_comp.formula
911 non-polymer '(1-hydroxyethane-1,1-diyl)bis(phosphonic acid)' 'C2 H8 O7 P2'
CL non-polymer 'CHLORIDE ION' 'Cl -1'
MG non-polymer 'MAGNESIUM ION' 'Mg 2'
#
# COMPACT_ATOMS: atom_id res chain seq x y z
N TRP A 35 18.28 28.16 1.94
CA TRP A 35 16.87 27.99 1.63
C TRP A 35 16.35 29.07 0.68
N GLY A 36 15.23 28.78 0.02
CA GLY A 36 14.61 29.73 -0.89
C GLY A 36 15.23 29.74 -2.27
N TYR A 37 15.46 30.94 -2.80
CA TYR A 37 16.03 31.11 -4.14
C TYR A 37 17.42 30.52 -4.23
N ASP A 38 18.25 30.83 -3.25
CA ASP A 38 19.66 30.44 -3.25
C ASP A 38 19.87 28.94 -3.16
N LEU A 39 19.15 28.29 -2.24
CA LEU A 39 19.25 26.84 -2.12
C LEU A 39 18.84 26.18 -3.43
N VAL A 40 17.74 26.64 -4.00
CA VAL A 40 17.18 26.00 -5.19
C VAL A 40 18.04 26.15 -6.45
N HIS A 41 18.58 27.35 -6.69
CA HIS A 41 19.39 27.56 -7.87
C HIS A 41 20.79 26.94 -7.77
N SER A 42 21.16 26.48 -6.58
CA SER A 42 22.43 25.80 -6.40
C SER A 42 22.32 24.30 -6.74
N LEU A 43 21.09 23.83 -6.92
CA LEU A 43 20.86 22.43 -7.26
C LEU A 43 21.25 22.16 -8.70
N LYS A 44 21.88 21.02 -8.94
CA LYS A 44 22.37 20.70 -10.28
C LYS A 44 22.20 19.22 -10.57
N SER A 45 20.96 18.76 -10.74
CA SER A 45 20.73 17.32 -10.91
C SER A 45 21.04 16.81 -12.31
N PRO A 46 21.87 15.76 -12.38
CA PRO A 46 22.34 15.16 -13.63
C PRO A 46 21.23 14.41 -14.35
N TYR A 47 20.18 14.03 -13.60
CA TYR A 47 19.15 13.13 -14.12
C TYR A 47 18.18 13.79 -15.07
N ILE A 48 18.37 15.09 -15.31
CA ILE A 48 17.55 15.81 -16.27
C ILE A 48 17.92 15.46 -17.73
N ASP A 49 19.19 15.11 -17.95
CA ASP A 49 19.64 14.78 -19.31
C ASP A 49 18.79 13.67 -19.91
N SER A 50 18.48 13.77 -21.20
CA SER A 50 17.53 12.85 -21.84
C SER A 50 17.95 11.37 -21.83
N SER A 51 19.25 11.12 -21.72
CA SER A 51 19.75 9.73 -21.72
C SER A 51 19.20 8.94 -20.53
N TYR A 52 18.97 9.61 -19.40
CA TYR A 52 18.45 8.90 -18.24
C TYR A 52 17.01 8.42 -18.50
N ARG A 53 16.18 9.29 -19.07
CA ARG A 53 14.84 8.88 -19.45
C ARG A 53 14.93 7.74 -20.47
N GLU A 54 15.91 7.82 -21.37
CA GLU A 54 16.04 6.76 -22.39
C GLU A 54 16.44 5.41 -21.76
N ARG A 55 17.32 5.45 -20.78
CA ARG A 55 17.64 4.27 -20.00
C ARG A 55 16.42 3.70 -19.28
N ALA A 56 15.58 4.58 -18.75
CA ALA A 56 14.39 4.18 -18.01
C ALA A 56 13.39 3.48 -18.93
N GLU A 57 13.29 3.94 -20.17
CA GLU A 57 12.43 3.31 -21.16
C GLU A 57 12.90 1.90 -21.58
N VAL A 58 14.21 1.68 -21.58
CA VAL A 58 14.72 0.33 -21.78
C VAL A 58 14.31 -0.54 -20.58
N LEU A 59 14.48 -0.02 -19.37
CA LEU A 59 14.03 -0.76 -18.19
C LEU A 59 12.55 -1.10 -18.27
N VAL A 60 11.73 -0.15 -18.69
CA VAL A 60 10.31 -0.40 -18.82
C VAL A 60 10.04 -1.55 -19.78
N SER A 61 10.67 -1.50 -20.96
CA SER A 61 10.46 -2.54 -21.96
CA SER A 61 10.48 -2.55 -21.97
C SER A 61 10.94 -3.90 -21.44
N GLU A 62 12.09 -3.92 -20.77
CA GLU A 62 12.59 -5.17 -20.21
C GLU A 62 11.62 -5.72 -19.16
N ILE A 63 11.02 -4.82 -18.38
CA ILE A 63 10.09 -5.26 -17.34
C ILE A 63 8.82 -5.83 -17.96
N LYS A 64 8.27 -5.14 -18.96
CA LYS A 64 7.12 -5.68 -19.68
C LYS A 64 7.40 -7.07 -20.27
N ALA A 65 8.60 -7.28 -20.80
CA ALA A 65 8.96 -8.57 -21.36
C ALA A 65 9.03 -9.62 -20.26
N MET A 66 9.57 -9.23 -19.11
CA MET A 66 9.71 -10.18 -18.02
C MET A 66 8.36 -10.61 -17.47
N LEU A 67 7.45 -9.65 -17.32
CA LEU A 67 6.13 -9.90 -16.75
C LEU A 67 5.16 -10.54 -17.74
N ASN A 68 5.52 -10.54 -19.00
CA ASN A 68 4.57 -11.03 -19.99
C ASN A 68 4.05 -12.46 -19.78
N PRO A 69 4.95 -13.42 -19.50
CA PRO A 69 4.45 -14.78 -19.22
C PRO A 69 3.54 -14.84 -18.00
N ALA A 70 3.75 -13.95 -17.02
CA ALA A 70 2.95 -13.99 -15.79
C ALA A 70 1.52 -13.47 -15.94
N ILE A 71 1.30 -12.57 -16.89
CA ILE A 71 -0.03 -11.97 -17.04
C ILE A 71 -0.71 -12.32 -18.37
N THR A 72 0.10 -12.62 -19.39
CA THR A 72 -0.41 -12.87 -20.74
C THR A 72 -0.22 -14.30 -21.18
N GLY A 73 0.92 -14.87 -20.84
CA GLY A 73 1.26 -16.22 -21.25
C GLY A 73 0.93 -17.32 -20.24
N ASP A 74 1.76 -18.35 -20.23
CA ASP A 74 1.53 -19.53 -19.41
C ASP A 74 2.65 -19.74 -18.40
N GLY A 75 3.66 -18.89 -18.46
CA GLY A 75 4.76 -18.93 -17.51
C GLY A 75 4.33 -18.41 -16.15
N GLU A 76 3.02 -18.40 -15.92
CA GLU A 76 2.45 -17.98 -14.64
C GLU A 76 3.12 -18.71 -13.49
N SER A 77 2.92 -18.20 -12.27
CA SER A 77 3.43 -18.84 -11.08
C SER A 77 4.91 -19.21 -11.17
N MET A 78 5.77 -18.20 -11.25
CA MET A 78 7.21 -18.40 -11.21
C MET A 78 7.69 -18.46 -9.76
N ILE A 79 8.07 -19.66 -9.31
CA ILE A 79 8.38 -19.89 -7.91
C ILE A 79 9.50 -20.91 -7.80
N THR A 80 10.37 -20.73 -6.82
CA THR A 80 11.56 -21.56 -6.64
C THR A 80 11.22 -22.98 -6.19
N PRO A 81 12.19 -23.90 -6.27
CA PRO A 81 11.94 -25.30 -5.87
C PRO A 81 11.75 -25.47 -4.38
N SER A 82 10.92 -26.43 -4.01
CA SER A 82 10.82 -26.90 -2.63
C SER A 82 11.46 -28.27 -2.56
N ALA A 83 12.64 -28.35 -1.94
CA ALA A 83 13.29 -29.64 -1.78
C ALA A 83 12.39 -30.56 -0.98
N TYR A 84 11.71 -30.01 0.02
CA TYR A 84 10.83 -30.81 0.86
C TYR A 84 9.69 -31.43 0.07
N ASP A 85 9.04 -30.64 -0.79
CA ASP A 85 7.92 -31.16 -1.58
C ASP A 85 8.41 -32.10 -2.68
N THR A 86 9.54 -31.74 -3.29
CA THR A 86 10.15 -32.57 -4.32
C THR A 86 10.43 -33.96 -3.78
N ALA A 87 10.91 -34.06 -2.55
CA ALA A 87 11.18 -35.36 -1.93
C ALA A 87 9.91 -36.19 -1.70
N TRP A 88 8.79 -35.53 -1.43
CA TRP A 88 7.51 -36.24 -1.27
C TRP A 88 7.02 -36.77 -2.61
N VAL A 89 7.18 -35.98 -3.66
CA VAL A 89 6.78 -36.42 -4.99
C VAL A 89 7.67 -37.59 -5.45
N ALA A 90 8.92 -37.58 -4.98
CA ALA A 90 9.88 -38.63 -5.33
C ALA A 90 9.52 -39.97 -4.69
N ARG A 91 8.63 -39.93 -3.69
CA ARG A 91 8.24 -41.12 -2.97
C ARG A 91 7.31 -41.99 -3.77
N VAL A 92 6.49 -41.36 -4.61
CA VAL A 92 5.48 -42.08 -5.39
C VAL A 92 6.11 -43.19 -6.23
N PRO A 93 5.71 -44.45 -5.97
CA PRO A 93 6.22 -45.58 -6.75
C PRO A 93 5.62 -45.59 -8.15
N ALA A 94 6.36 -46.11 -9.13
CA ALA A 94 5.84 -46.23 -10.48
C ALA A 94 4.44 -46.83 -10.49
N ILE A 95 3.52 -46.21 -11.22
CA ILE A 95 2.16 -46.73 -11.32
C ILE A 95 2.10 -48.03 -12.11
N ASP A 96 3.21 -48.45 -12.70
CA ASP A 96 3.22 -49.72 -13.42
C ASP A 96 3.62 -50.88 -12.51
N GLY A 97 3.77 -50.58 -11.22
CA GLY A 97 4.05 -51.61 -10.23
C GLY A 97 5.52 -52.01 -10.12
N SER A 98 6.37 -51.46 -10.97
CA SER A 98 7.80 -51.76 -10.90
C SER A 98 8.44 -51.05 -9.71
N ALA A 99 9.65 -51.51 -9.33
CA ALA A 99 10.31 -51.02 -8.12
C ALA A 99 11.16 -49.77 -8.34
N ARG A 100 10.52 -48.71 -8.82
CA ARG A 100 11.19 -47.44 -9.04
C ARG A 100 10.21 -46.29 -8.88
N PRO A 101 10.72 -45.06 -8.75
CA PRO A 101 9.82 -43.91 -8.59
C PRO A 101 9.07 -43.61 -9.89
N GLN A 102 7.82 -43.15 -9.76
CA GLN A 102 7.04 -42.72 -10.91
C GLN A 102 7.68 -41.51 -11.59
N PHE A 103 8.33 -40.67 -10.79
CA PHE A 103 9.00 -39.46 -11.30
C PHE A 103 10.48 -39.48 -10.96
N PRO A 104 11.26 -40.31 -11.66
CA PRO A 104 12.68 -40.50 -11.32
C PRO A 104 13.52 -39.22 -11.46
N GLN A 105 13.04 -38.22 -12.19
CA GLN A 105 13.79 -36.98 -12.33
C GLN A 105 13.87 -36.19 -11.02
N THR A 106 12.86 -36.36 -10.16
CA THR A 106 12.89 -35.72 -8.84
C THR A 106 14.00 -36.30 -7.96
N VAL A 107 14.19 -37.61 -8.03
CA VAL A 107 15.29 -38.25 -7.31
C VAL A 107 16.62 -37.67 -7.82
N ASP A 108 16.75 -37.60 -9.13
CA ASP A 108 17.96 -37.08 -9.72
C ASP A 108 18.20 -35.64 -9.23
N TRP A 109 17.14 -34.85 -9.21
CA TRP A 109 17.25 -33.46 -8.76
C TRP A 109 17.80 -33.42 -7.33
N ILE A 110 17.17 -34.17 -6.44
CA ILE A 110 17.57 -34.20 -5.05
C ILE A 110 19.03 -34.60 -4.92
N LEU A 111 19.45 -35.61 -5.67
CA LEU A 111 20.82 -36.09 -5.60
C LEU A 111 21.79 -35.01 -6.03
N LYS A 112 21.33 -34.13 -6.92
CA LYS A 112 22.21 -33.12 -7.51
C LYS A 112 22.16 -31.75 -6.82
N ASN A 113 21.24 -31.57 -5.87
CA ASN A 113 21.04 -30.24 -5.28
C ASN A 113 21.25 -30.12 -3.77
N GLN A 114 21.98 -31.05 -3.18
CA GLN A 114 22.34 -30.91 -1.77
C GLN A 114 23.27 -29.72 -1.59
N LEU A 115 23.07 -28.97 -0.51
CA LEU A 115 23.93 -27.82 -0.23
C LEU A 115 25.22 -28.30 0.43
N LYS A 116 26.23 -27.43 0.44
CA LYS A 116 27.55 -27.81 0.92
C LYS A 116 27.58 -28.27 2.38
N ASP A 117 26.61 -27.80 3.17
CA ASP A 117 26.58 -28.17 4.59
C ASP A 117 25.82 -29.48 4.87
N GLY A 118 25.33 -30.10 3.80
CA GLY A 118 24.59 -31.34 3.91
C GLY A 118 23.08 -31.16 3.92
N SER A 119 22.62 -29.91 4.00
CA SER A 119 21.19 -29.63 4.01
C SER A 119 20.66 -29.41 2.60
N TRP A 120 19.34 -29.40 2.46
CA TRP A 120 18.69 -28.98 1.22
C TRP A 120 17.90 -27.72 1.51
N GLY A 121 17.81 -26.84 0.51
CA GLY A 121 17.14 -25.56 0.65
C GLY A 121 17.78 -24.49 -0.22
N ILE A 122 17.30 -23.25 -0.09
CA ILE A 122 17.87 -22.14 -0.86
C ILE A 122 19.08 -21.57 -0.14
N GLN A 123 20.21 -21.53 -0.84
CA GLN A 123 21.48 -21.16 -0.24
C GLN A 123 21.54 -19.72 0.29
N SER A 124 20.89 -18.78 -0.43
CA SER A 124 20.94 -17.37 -0.05
C SER A 124 20.36 -17.07 1.33
N HIS A 125 19.45 -17.92 1.80
CA HIS A 125 18.74 -17.70 3.05
C HIS A 125 18.70 -18.97 3.91
N PHE A 126 19.29 -18.90 5.10
CA PHE A 126 19.28 -20.03 6.02
C PHE A 126 18.17 -19.89 7.07
N LEU A 127 17.30 -20.88 7.15
CA LEU A 127 16.27 -20.91 8.19
C LEU A 127 16.19 -22.32 8.78
N LEU A 128 16.52 -22.45 10.06
CA LEU A 128 16.67 -23.76 10.69
C LEU A 128 15.52 -24.71 10.37
N SER A 129 14.30 -24.25 10.59
CA SER A 129 13.14 -25.13 10.44
C SER A 129 12.96 -25.56 8.98
N ASP A 130 13.23 -24.64 8.06
CA ASP A 130 13.22 -24.97 6.64
C ASP A 130 14.26 -26.05 6.32
N ARG A 131 15.50 -25.84 6.76
CA ARG A 131 16.56 -26.80 6.46
C ARG A 131 16.29 -28.13 7.12
N LEU A 132 15.79 -28.11 8.36
CA LEU A 132 15.52 -29.34 9.08
C LEU A 132 14.45 -30.16 8.38
N LEU A 133 13.36 -29.50 8.03
CA LEU A 133 12.25 -30.19 7.42
C LEU A 133 12.64 -30.74 6.03
N ALA A 134 13.21 -29.88 5.19
CA ALA A 134 13.59 -30.29 3.84
C ALA A 134 14.66 -31.39 3.83
N THR A 135 15.67 -31.28 4.69
CA THR A 135 16.74 -32.26 4.74
C THR A 135 16.22 -33.63 5.17
N LEU A 136 15.41 -33.67 6.24
CA LEU A 136 14.87 -34.94 6.70
C LEU A 136 13.98 -35.56 5.63
N SER A 137 13.21 -34.73 4.94
CA SER A 137 12.36 -35.21 3.86
C SER A 137 13.18 -35.89 2.74
N CYS A 138 14.26 -35.24 2.31
CA CYS A 138 15.13 -35.78 1.26
C CYS A 138 15.88 -37.03 1.69
N VAL A 139 16.46 -36.98 2.89
CA VAL A 139 17.17 -38.14 3.42
C VAL A 139 16.29 -39.38 3.37
N LEU A 140 15.03 -39.23 3.81
CA LEU A 140 14.11 -40.38 3.87
C LEU A 140 13.76 -40.94 2.49
N VAL A 141 13.52 -40.07 1.50
CA VAL A 141 13.16 -40.58 0.18
C VAL A 141 14.34 -41.26 -0.51
N LEU A 142 15.55 -40.76 -0.26
CA LEU A 142 16.74 -41.38 -0.83
C LEU A 142 16.88 -42.79 -0.23
N LEU A 143 16.59 -42.90 1.06
CA LEU A 143 16.68 -44.18 1.74
C LEU A 143 15.66 -45.17 1.17
N LYS A 144 14.44 -44.68 0.92
CA LYS A 144 13.40 -45.52 0.34
C LYS A 144 13.87 -46.23 -0.93
N TRP A 145 14.52 -45.49 -1.82
CA TRP A 145 14.95 -46.02 -3.11
C TRP A 145 16.37 -46.59 -3.09
N ASN A 146 16.97 -46.65 -1.91
CA ASN A 146 18.33 -47.19 -1.74
C ASN A 146 19.37 -46.54 -2.66
N VAL A 147 19.48 -45.22 -2.58
CA VAL A 147 20.46 -44.46 -3.37
C VAL A 147 21.03 -43.30 -2.56
N GLY A 148 21.97 -42.58 -3.18
CA GLY A 148 22.59 -41.41 -2.58
C GLY A 148 23.09 -41.61 -1.16
N ASP A 149 23.87 -42.67 -0.95
CA ASP A 149 24.38 -42.99 0.38
C ASP A 149 25.17 -41.82 0.99
N LEU A 150 25.88 -41.08 0.16
CA LEU A 150 26.73 -40.00 0.66
C LEU A 150 25.90 -38.77 1.06
N GLN A 151 24.89 -38.46 0.24
CA GLN A 151 23.97 -37.37 0.54
C GLN A 151 23.23 -37.65 1.85
N VAL A 152 22.77 -38.89 2.00
CA VAL A 152 22.09 -39.32 3.20
C VAL A 152 22.98 -39.18 4.43
N GLU A 153 24.23 -39.63 4.31
CA GLU A 153 25.19 -39.53 5.41
C GLU A 153 25.40 -38.07 5.84
N GLN A 154 25.51 -37.17 4.86
CA GLN A 154 25.74 -35.76 5.12
C GLN A 154 24.45 -35.06 5.59
N GLY A 155 23.31 -35.56 5.12
CA GLY A 155 22.03 -35.02 5.53
C GLY A 155 21.80 -35.27 7.01
N ILE A 156 22.04 -36.51 7.42
CA ILE A 156 21.85 -36.92 8.81
C ILE A 156 22.76 -36.10 9.74
N GLU A 157 23.98 -35.87 9.30
CA GLU A 157 24.95 -35.11 10.08
C GLU A 157 24.45 -33.69 10.31
N PHE A 158 23.91 -33.07 9.27
CA PHE A 158 23.37 -31.72 9.40
C PHE A 158 22.21 -31.69 10.41
N ILE A 159 21.25 -32.57 10.21
CA ILE A 159 20.10 -32.61 11.10
C ILE A 159 20.56 -32.79 12.55
N LYS A 160 21.38 -33.80 12.80
CA LYS A 160 21.88 -34.09 14.14
C LYS A 160 22.64 -32.90 14.72
N SER A 161 23.59 -32.41 13.93
CA SER A 161 24.44 -31.29 14.35
C SER A 161 23.62 -30.08 14.76
N ASN A 162 22.74 -29.60 13.88
CA ASN A 162 21.99 -28.37 14.14
C ASN A 162 20.92 -28.51 15.23
N LEU A 163 20.34 -29.70 15.35
CA LEU A 163 19.35 -29.95 16.40
C LEU A 163 19.95 -29.78 17.79
N GLU A 164 21.23 -30.09 17.91
CA GLU A 164 21.91 -30.09 19.19
C GLU A 164 22.38 -28.69 19.58
N LEU A 165 22.24 -27.75 18.65
CA LEU A 165 22.58 -26.35 18.94
C LEU A 165 21.40 -25.60 19.57
N VAL A 166 20.18 -26.09 19.34
CA VAL A 166 19.00 -25.50 19.94
C VAL A 166 19.07 -25.71 21.45
N LYS A 167 19.10 -24.61 22.20
CA LYS A 167 19.16 -24.70 23.65
C LYS A 167 17.76 -24.46 24.23
N ASP A 168 17.16 -23.32 23.90
CA ASP A 168 15.79 -23.03 24.32
C ASP A 168 14.91 -22.64 23.13
N GLU A 169 13.67 -22.24 23.41
CA GLU A 169 12.71 -21.90 22.36
C GLU A 169 13.20 -20.77 21.46
N THR A 170 13.69 -19.70 22.09
CA THR A 170 14.14 -18.53 21.35
C THR A 170 15.11 -18.90 20.24
N ASP A 171 15.73 -20.08 20.35
CA ASP A 171 16.73 -20.52 19.39
C ASP A 171 16.15 -21.18 18.13
N GLN A 172 14.89 -21.59 18.19
CA GLN A 172 14.31 -22.31 17.06
C GLN A 172 14.17 -21.44 15.80
N ASP A 173 13.94 -20.14 15.99
CA ASP A 173 13.77 -19.19 14.88
C ASP A 173 12.37 -19.28 14.29
N SER A 174 12.15 -18.68 13.12
CA SER A 174 10.81 -18.69 12.53
C SER A 174 10.47 -20.08 11.98
N LEU A 175 9.21 -20.49 12.11
CA LEU A 175 8.82 -21.82 11.68
C LEU A 175 8.05 -21.83 10.37
N VAL A 176 8.50 -22.68 9.44
CA VAL A 176 7.77 -22.92 8.21
C VAL A 176 6.39 -23.48 8.55
N THR A 177 5.48 -23.47 7.59
CA THR A 177 4.10 -23.88 7.85
C THR A 177 3.96 -25.28 8.45
N ASP A 178 3.22 -25.37 9.55
CA ASP A 178 2.90 -26.64 10.20
C ASP A 178 4.13 -27.45 10.62
N PHE A 179 5.23 -26.76 10.87
CA PHE A 179 6.43 -27.43 11.33
C PHE A 179 6.18 -28.31 12.56
N GLU A 180 5.54 -27.73 13.57
CA GLU A 180 5.27 -28.43 14.82
C GLU A 180 4.48 -29.73 14.62
N ILE A 181 3.66 -29.78 13.59
CA ILE A 181 2.88 -30.98 13.31
C ILE A 181 3.69 -31.99 12.50
N ILE A 182 4.31 -31.53 11.43
CA ILE A 182 4.98 -32.41 10.47
C ILE A 182 6.28 -33.01 10.97
N PHE A 183 7.09 -32.19 11.65
CA PHE A 183 8.44 -32.64 11.98
C PHE A 183 8.48 -33.85 12.95
N PRO A 184 7.64 -33.83 14.01
CA PRO A 184 7.57 -35.01 14.89
C PRO A 184 7.14 -36.27 14.14
N SER A 185 6.25 -36.10 13.17
CA SER A 185 5.75 -37.22 12.38
C SER A 185 6.86 -37.80 11.50
N LEU A 186 7.58 -36.90 10.84
CA LEU A 186 8.67 -37.27 9.95
C LEU A 186 9.81 -37.88 10.76
N LEU A 187 10.04 -37.31 11.93
CA LEU A 187 11.12 -37.75 12.81
C LEU A 187 10.82 -39.12 13.42
N ARG A 188 9.54 -39.43 13.63
CA ARG A 188 9.16 -40.76 14.08
C ARG A 188 9.43 -41.79 12.98
N GLU A 189 9.18 -41.39 11.73
CA GLU A 189 9.50 -42.26 10.59
C GLU A 189 10.98 -42.61 10.57
N ALA A 190 11.84 -41.60 10.72
CA ALA A 190 13.27 -41.84 10.83
C ALA A 190 13.59 -42.80 11.97
N GLN A 191 12.85 -42.65 13.08
CA GLN A 191 13.12 -43.41 14.29
C GLN A 191 12.83 -44.90 14.08
N SER A 192 11.86 -45.19 13.23
CA SER A 192 11.48 -46.58 12.96
C SER A 192 12.56 -47.26 12.11
N LEU A 193 13.28 -46.46 11.33
CA LEU A 193 14.39 -46.94 10.53
C LEU A 193 15.69 -46.93 11.32
N ARG A 194 15.64 -46.44 12.55
CA ARG A 194 16.80 -46.37 13.45
C ARG A 194 17.95 -45.51 12.92
N LEU A 195 17.62 -44.38 12.31
CA LEU A 195 18.63 -43.42 11.90
C LEU A 195 19.30 -42.79 13.11
N GLY A 196 20.56 -42.38 12.95
CA GLY A 196 21.31 -41.82 14.06
C GLY A 196 20.95 -40.39 14.44
N LEU A 197 19.69 -40.15 14.81
CA LEU A 197 19.26 -38.82 15.21
C LEU A 197 18.95 -38.73 16.70
N PRO A 198 19.15 -37.54 17.29
CA PRO A 198 18.92 -37.30 18.72
C PRO A 198 17.43 -37.19 19.08
N TYR A 199 16.72 -38.32 19.04
CA TYR A 199 15.26 -38.33 19.22
C TYR A 199 14.82 -37.90 20.62
N ASP A 200 15.75 -37.89 21.56
CA ASP A 200 15.40 -37.69 22.96
C ASP A 200 15.77 -36.29 23.49
N LEU A 201 16.07 -35.37 22.57
CA LEU A 201 16.33 -33.98 22.94
C LEU A 201 15.07 -33.27 23.45
N PRO A 202 15.23 -32.40 24.45
CA PRO A 202 14.16 -31.56 25.00
C PRO A 202 13.37 -30.81 23.92
N TYR A 203 14.06 -30.20 22.97
CA TYR A 203 13.39 -29.50 21.88
C TYR A 203 12.48 -30.42 21.08
N ILE A 204 12.91 -31.67 20.88
CA ILE A 204 12.06 -32.66 20.22
C ILE A 204 10.78 -32.92 21.01
N HIS A 205 10.92 -33.09 22.33
CA HIS A 205 9.78 -33.34 23.20
C HIS A 205 8.83 -32.15 23.23
N LEU A 206 9.39 -30.95 23.23
CA LEU A 206 8.60 -29.73 23.12
C LEU A 206 7.77 -29.71 21.82
N LEU A 207 8.35 -30.13 20.72
CA LEU A 207 7.62 -30.14 19.46
C LEU A 207 6.42 -31.09 19.50
N GLN A 208 6.62 -32.29 20.03
CA GLN A 208 5.52 -33.24 20.21
C GLN A 208 4.41 -32.63 21.09
N THR A 209 4.80 -32.02 22.20
CA THR A 209 3.86 -31.32 23.07
C THR A 209 3.06 -30.28 22.27
N LYS A 210 3.76 -29.49 21.45
CA LYS A 210 3.10 -28.48 20.64
C LYS A 210 2.18 -29.16 19.63
N ARG A 211 2.64 -30.25 19.05
CA ARG A 211 1.82 -31.01 18.12
C ARG A 211 0.51 -31.46 18.78
N GLN A 212 0.60 -32.09 19.96
CA GLN A 212 -0.59 -32.54 20.65
C GLN A 212 -1.53 -31.37 20.92
N GLU A 213 -0.95 -30.23 21.28
CA GLU A 213 -1.71 -29.03 21.54
C GLU A 213 -2.49 -28.53 20.33
N ARG A 214 -1.88 -28.57 19.15
CA ARG A 214 -2.58 -28.18 17.93
C ARG A 214 -3.68 -29.19 17.59
N LEU A 215 -3.37 -30.47 17.75
CA LEU A 215 -4.28 -31.54 17.34
C LEU A 215 -5.52 -31.64 18.24
N ALA A 216 -5.48 -30.97 19.39
CA ALA A 216 -6.58 -31.03 20.34
C ALA A 216 -7.73 -30.16 19.89
N LYS A 217 -7.43 -28.95 19.43
CA LYS A 217 -8.46 -28.00 19.02
C LYS A 217 -9.03 -28.38 17.66
N LEU A 218 -8.61 -29.53 17.15
CA LEU A 218 -8.98 -29.96 15.82
C LEU A 218 -10.30 -30.73 15.81
N SER A 219 -11.25 -30.29 14.99
CA SER A 219 -12.45 -31.10 14.74
C SER A 219 -12.17 -32.13 13.64
N ARG A 220 -12.10 -33.41 14.01
CA ARG A 220 -11.73 -34.46 13.04
C ARG A 220 -12.85 -34.66 12.02
N GLU A 221 -14.09 -34.74 12.51
CA GLU A 221 -15.25 -34.98 11.67
C GLU A 221 -15.42 -33.91 10.59
N GLU A 222 -14.97 -32.69 10.88
CA GLU A 222 -15.12 -31.58 9.95
C GLU A 222 -14.03 -31.52 8.87
N ILE A 223 -12.92 -32.22 9.07
CA ILE A 223 -11.86 -32.28 8.06
C ILE A 223 -12.44 -32.74 6.73
N TYR A 224 -13.43 -33.62 6.78
CA TYR A 224 -13.97 -34.25 5.58
C TYR A 224 -15.11 -33.45 4.97
N ALA A 225 -15.60 -32.44 5.69
CA ALA A 225 -16.79 -31.72 5.26
C ALA A 225 -16.51 -30.27 4.89
N VAL A 226 -15.55 -29.67 5.58
CA VAL A 226 -15.23 -28.27 5.44
C VAL A 226 -13.75 -28.11 5.13
N PRO A 227 -13.41 -27.61 3.94
CA PRO A 227 -11.98 -27.47 3.61
C PRO A 227 -11.28 -26.55 4.62
N SER A 228 -10.07 -26.89 5.03
CA SER A 228 -9.38 -26.14 6.08
C SER A 228 -7.89 -26.06 5.80
N PRO A 229 -7.18 -25.16 6.51
CA PRO A 229 -5.73 -24.98 6.34
C PRO A 229 -4.94 -26.28 6.45
N LEU A 230 -5.45 -27.25 7.19
CA LEU A 230 -4.72 -28.49 7.44
C LEU A 230 -4.63 -29.41 6.23
N LEU A 231 -5.48 -29.19 5.23
CA LEU A 231 -5.37 -29.95 3.99
C LEU A 231 -4.02 -29.67 3.30
N TYR A 232 -3.35 -28.61 3.71
CA TYR A 232 -2.06 -28.21 3.14
C TYR A 232 -0.93 -29.12 3.61
N SER A 233 -1.19 -29.90 4.67
CA SER A 233 -0.14 -30.66 5.32
C SER A 233 -0.62 -32.05 5.76
N LEU A 234 -1.41 -32.71 4.93
CA LEU A 234 -1.91 -34.04 5.27
C LEU A 234 -0.77 -35.03 5.51
N GLU A 235 0.37 -34.79 4.88
CA GLU A 235 1.49 -35.71 4.98
C GLU A 235 2.02 -35.80 6.42
N GLY A 236 1.61 -34.87 7.26
CA GLY A 236 2.03 -34.85 8.65
C GLY A 236 1.02 -35.40 9.64
N ILE A 237 -0.20 -35.68 9.19
CA ILE A 237 -1.21 -36.28 10.08
C ILE A 237 -1.82 -37.56 9.52
N GLN A 238 -0.98 -38.43 8.98
CA GLN A 238 -1.44 -39.65 8.32
C GLN A 238 -2.22 -40.62 9.24
N ASP A 239 -1.89 -40.64 10.53
CA ASP A 239 -2.58 -41.54 11.45
C ASP A 239 -3.98 -41.04 11.83
N ILE A 240 -4.27 -39.79 11.47
CA ILE A 240 -5.55 -39.20 11.82
C ILE A 240 -6.53 -39.32 10.66
N VAL A 241 -6.05 -39.11 9.45
CA VAL A 241 -6.90 -39.00 8.28
C VAL A 241 -7.49 -40.32 7.78
N GLU A 242 -8.81 -40.35 7.61
CA GLU A 242 -9.48 -41.45 6.92
C GLU A 242 -9.48 -41.16 5.44
N TRP A 243 -8.56 -41.77 4.71
CA TRP A 243 -8.33 -41.46 3.29
C TRP A 243 -9.59 -41.68 2.44
N GLU A 244 -10.46 -42.58 2.89
CA GLU A 244 -11.63 -42.94 2.11
C GLU A 244 -12.73 -41.88 2.17
N ARG A 245 -12.45 -40.80 2.90
CA ARG A 245 -13.45 -39.76 3.14
C ARG A 245 -12.93 -38.39 2.73
N ILE A 246 -11.63 -38.32 2.42
CA ILE A 246 -10.94 -37.04 2.27
C ILE A 246 -11.09 -36.41 0.88
N MET A 247 -11.61 -37.17 -0.08
CA MET A 247 -11.75 -36.68 -1.45
C MET A 247 -12.79 -35.58 -1.62
N GLU A 248 -13.70 -35.48 -0.66
CA GLU A 248 -14.75 -34.46 -0.72
C GLU A 248 -14.19 -33.05 -0.62
N VAL A 249 -13.01 -32.91 -0.02
CA VAL A 249 -12.39 -31.59 0.08
C VAL A 249 -11.16 -31.41 -0.82
N GLN A 250 -11.02 -32.29 -1.80
CA GLN A 250 -10.00 -32.15 -2.83
C GLN A 250 -10.31 -30.95 -3.72
N SER A 251 -9.28 -30.20 -4.12
CA SER A 251 -9.46 -29.05 -5.03
C SER A 251 -9.85 -29.53 -6.42
N GLN A 252 -10.43 -28.65 -7.22
CA GLN A 252 -10.85 -29.02 -8.57
C GLN A 252 -9.71 -29.50 -9.45
N ASP A 253 -8.47 -29.13 -9.12
CA ASP A 253 -7.32 -29.53 -9.93
C ASP A 253 -6.66 -30.81 -9.40
N GLY A 254 -7.27 -31.38 -8.37
CA GLY A 254 -6.82 -32.65 -7.84
C GLY A 254 -5.85 -32.49 -6.70
N SER A 255 -5.44 -31.26 -6.43
CA SER A 255 -4.51 -31.01 -5.33
C SER A 255 -5.24 -30.98 -3.99
N PHE A 256 -4.47 -31.12 -2.93
CA PHE A 256 -4.99 -30.79 -1.61
C PHE A 256 -4.41 -29.47 -1.12
N LEU A 257 -5.24 -28.44 -1.17
CA LEU A 257 -4.86 -27.06 -0.85
C LEU A 257 -3.54 -26.62 -1.54
N SER A 258 -3.35 -27.12 -2.76
CA SER A 258 -2.26 -26.71 -3.65
C SER A 258 -0.87 -27.21 -3.24
N SER A 259 -0.83 -28.12 -2.27
CA SER A 259 0.44 -28.69 -1.83
C SER A 259 0.80 -29.97 -2.57
N PRO A 260 1.94 -29.98 -3.27
CA PRO A 260 2.37 -31.20 -3.95
C PRO A 260 2.66 -32.30 -2.94
N ALA A 261 3.31 -31.96 -1.83
CA ALA A 261 3.64 -32.97 -0.81
C ALA A 261 2.38 -33.61 -0.24
N SER A 262 1.41 -32.78 0.12
CA SER A 262 0.15 -33.23 0.72
C SER A 262 -0.63 -34.08 -0.28
N THR A 263 -0.67 -33.64 -1.53
CA THR A 263 -1.33 -34.36 -2.61
C THR A 263 -0.66 -35.71 -2.88
N ALA A 264 0.67 -35.71 -2.97
CA ALA A 264 1.41 -36.95 -3.20
C ALA A 264 1.07 -37.99 -2.14
N CYS A 265 0.95 -37.53 -0.90
CA CYS A 265 0.60 -38.39 0.23
C CYS A 265 -0.77 -39.04 0.02
N VAL A 266 -1.76 -38.23 -0.30
CA VAL A 266 -3.10 -38.76 -0.53
C VAL A 266 -3.05 -39.74 -1.68
N PHE A 267 -2.23 -39.45 -2.69
CA PHE A 267 -2.18 -40.35 -3.84
C PHE A 267 -1.68 -41.75 -3.47
N MET A 268 -0.57 -41.82 -2.74
CA MET A 268 0.00 -43.11 -2.35
C MET A 268 -0.96 -43.91 -1.47
N HIS A 269 -1.89 -43.21 -0.82
CA HIS A 269 -2.87 -43.88 0.02
C HIS A 269 -4.13 -44.31 -0.73
N THR A 270 -4.45 -43.62 -1.82
CA THR A 270 -5.73 -43.86 -2.47
C THR A 270 -5.63 -44.28 -3.93
N GLY A 271 -4.55 -43.91 -4.58
CA GLY A 271 -4.42 -44.15 -6.02
C GLY A 271 -5.37 -43.26 -6.80
N ASP A 272 -5.79 -42.15 -6.20
CA ASP A 272 -6.75 -41.24 -6.84
C ASP A 272 -6.18 -40.61 -8.12
N ALA A 273 -6.95 -40.70 -9.21
CA ALA A 273 -6.51 -40.24 -10.52
C ALA A 273 -6.30 -38.72 -10.60
N LYS A 274 -7.23 -37.95 -10.06
CA LYS A 274 -7.06 -36.48 -10.09
C LYS A 274 -5.85 -36.02 -9.30
N CYS A 275 -5.54 -36.72 -8.21
CA CYS A 275 -4.30 -36.47 -7.48
C CYS A 275 -3.10 -36.61 -8.42
N LEU A 276 -3.09 -37.67 -9.21
CA LEU A 276 -1.96 -37.94 -10.09
C LEU A 276 -1.86 -36.85 -11.16
N GLU A 277 -3.00 -36.45 -11.71
CA GLU A 277 -3.02 -35.38 -12.71
C GLU A 277 -2.41 -34.09 -12.17
N PHE A 278 -2.59 -33.81 -10.89
CA PHE A 278 -2.01 -32.60 -10.33
C PHE A 278 -0.49 -32.70 -10.24
N LEU A 279 0.02 -33.83 -9.75
CA LEU A 279 1.46 -34.03 -9.74
C LEU A 279 2.04 -33.95 -11.15
N ASN A 280 1.33 -34.54 -12.12
CA ASN A 280 1.79 -34.49 -13.50
C ASN A 280 1.87 -33.06 -14.01
N SER A 281 0.83 -32.27 -13.76
CA SER A 281 0.79 -30.91 -14.27
C SER A 281 1.93 -30.07 -13.69
N VAL A 282 2.28 -30.32 -12.42
CA VAL A 282 3.37 -29.59 -11.79
C VAL A 282 4.76 -29.99 -12.35
N MET A 283 4.95 -31.29 -12.61
CA MET A 283 6.19 -31.78 -13.22
C MET A 283 6.37 -31.25 -14.65
N ILE A 284 5.29 -31.30 -15.42
CA ILE A 284 5.26 -30.72 -16.76
C ILE A 284 5.67 -29.23 -16.75
N LYS A 285 5.25 -28.51 -15.71
CA LYS A 285 5.52 -27.09 -15.58
C LYS A 285 6.96 -26.81 -15.19
N PHE A 286 7.47 -27.56 -14.21
CA PHE A 286 8.79 -27.26 -13.64
C PHE A 286 9.93 -28.18 -14.08
N GLY A 287 9.60 -29.33 -14.64
CA GLY A 287 10.63 -30.22 -15.14
C GLY A 287 11.05 -31.34 -14.19
N ASN A 288 11.92 -31.01 -13.24
CA ASN A 288 12.44 -32.04 -12.33
C ASN A 288 12.34 -31.69 -10.84
N PHE A 289 11.51 -30.70 -10.52
CA PHE A 289 11.22 -30.35 -9.13
C PHE A 289 9.79 -29.82 -9.00
N VAL A 290 9.35 -29.60 -7.77
CA VAL A 290 8.09 -28.91 -7.50
C VAL A 290 8.31 -27.82 -6.44
N PRO A 291 7.46 -26.78 -6.45
CA PRO A 291 7.45 -25.74 -5.41
C PRO A 291 6.57 -26.19 -4.25
N CYS A 292 6.41 -25.35 -3.22
CA CYS A 292 5.58 -25.74 -2.07
C CYS A 292 4.13 -25.26 -2.18
N LEU A 293 3.80 -24.66 -3.31
CA LEU A 293 2.48 -24.09 -3.54
C LEU A 293 2.26 -24.01 -5.03
N TYR A 294 1.16 -24.53 -5.52
CA TYR A 294 0.90 -24.39 -6.93
C TYR A 294 -0.55 -24.63 -7.28
N PRO A 295 -1.12 -23.71 -8.08
CA PRO A 295 -0.44 -22.48 -8.49
C PRO A 295 -0.58 -21.35 -7.47
N VAL A 296 0.06 -20.22 -7.78
CA VAL A 296 -0.08 -19.02 -6.99
C VAL A 296 -0.52 -17.88 -7.91
N ASP A 297 -1.34 -18.22 -8.90
CA ASP A 297 -1.76 -17.26 -9.91
C ASP A 297 -2.40 -15.96 -9.37
N LEU A 298 -3.29 -16.04 -8.38
CA LEU A 298 -3.94 -14.85 -7.84
C LEU A 298 -3.04 -13.99 -6.96
N LEU A 299 -2.40 -14.63 -5.98
CA LEU A 299 -1.49 -13.93 -5.09
C LEU A 299 -0.34 -13.27 -5.85
N GLU A 300 0.24 -14.00 -6.81
CA GLU A 300 1.41 -13.49 -7.54
C GLU A 300 1.05 -12.24 -8.33
N ARG A 301 -0.05 -12.30 -9.08
CA ARG A 301 -0.51 -11.14 -9.82
C ARG A 301 -0.70 -9.91 -8.93
N LEU A 302 -1.22 -10.12 -7.72
CA LEU A 302 -1.50 -9.01 -6.81
C LEU A 302 -0.22 -8.47 -6.16
N LEU A 303 0.72 -9.35 -5.88
CA LEU A 303 2.01 -8.93 -5.34
C LEU A 303 2.80 -8.12 -6.38
N ILE A 304 2.70 -8.49 -7.66
CA ILE A 304 3.34 -7.74 -8.73
C ILE A 304 2.80 -6.30 -8.79
N VAL A 305 1.48 -6.18 -8.81
CA VAL A 305 0.83 -4.89 -8.87
C VAL A 305 1.11 -4.08 -7.61
N ASP A 306 1.00 -4.71 -6.44
CA ASP A 306 1.28 -4.02 -5.18
C ASP A 306 2.67 -3.39 -5.21
N ASN A 307 3.65 -4.18 -5.63
CA ASN A 307 5.04 -3.69 -5.60
C ASN A 307 5.32 -2.61 -6.63
N ILE A 308 4.81 -2.79 -7.83
CA ILE A 308 4.86 -1.75 -8.86
C ILE A 308 4.22 -0.45 -8.37
N VAL A 309 3.06 -0.54 -7.72
CA VAL A 309 2.39 0.64 -7.18
C VAL A 309 3.19 1.31 -6.05
N ARG A 310 3.70 0.52 -5.10
CA ARG A 310 4.41 1.11 -3.97
C ARG A 310 5.77 1.71 -4.37
N LEU A 311 6.36 1.19 -5.44
CA LEU A 311 7.65 1.69 -5.93
C LEU A 311 7.50 3.02 -6.68
N GLY A 312 6.27 3.40 -6.96
CA GLY A 312 6.00 4.66 -7.64
C GLY A 312 6.09 4.59 -9.16
N ILE A 313 6.22 3.38 -9.71
CA ILE A 313 6.44 3.24 -11.15
C ILE A 313 5.23 2.77 -11.95
N TYR A 314 4.07 2.72 -11.30
CA TYR A 314 2.85 2.18 -11.90
C TYR A 314 2.49 2.83 -13.26
N ARG A 315 2.75 4.11 -13.42
CA ARG A 315 2.28 4.81 -14.62
C ARG A 315 2.92 4.28 -15.92
N HIS A 316 4.01 3.53 -15.79
CA HIS A 316 4.65 2.93 -16.96
C HIS A 316 3.98 1.63 -17.37
N PHE A 317 3.17 1.07 -16.48
CA PHE A 317 2.64 -0.27 -16.69
C PHE A 317 1.10 -0.34 -16.58
N GLU A 318 0.42 0.66 -17.11
CA GLU A 318 -1.03 0.65 -17.06
C GLU A 318 -1.63 -0.61 -17.70
N LYS A 319 -1.13 -0.98 -18.87
CA LYS A 319 -1.69 -2.12 -19.61
C LYS A 319 -1.51 -3.42 -18.82
N GLU A 320 -0.32 -3.62 -18.27
CA GLU A 320 -0.03 -4.83 -17.51
C GLU A 320 -0.80 -4.90 -16.18
N ILE A 321 -1.04 -3.75 -15.56
CA ILE A 321 -1.77 -3.72 -14.30
C ILE A 321 -3.25 -4.01 -14.53
N LYS A 322 -3.79 -3.45 -15.60
CA LYS A 322 -5.16 -3.78 -15.98
C LYS A 322 -5.29 -5.26 -16.30
N GLU A 323 -4.35 -5.81 -17.07
CA GLU A 323 -4.41 -7.22 -17.45
C GLU A 323 -4.36 -8.13 -16.22
N ALA A 324 -3.49 -7.78 -15.27
CA ALA A 324 -3.36 -8.53 -14.03
C ALA A 324 -4.66 -8.47 -13.21
N LEU A 325 -5.16 -7.26 -12.99
CA LEU A 325 -6.33 -7.08 -12.13
C LEU A 325 -7.61 -7.59 -12.77
N ASP A 326 -7.73 -7.46 -14.08
CA ASP A 326 -8.91 -7.99 -14.77
C ASP A 326 -9.04 -9.49 -14.50
N TYR A 327 -7.89 -10.16 -14.38
CA TYR A 327 -7.86 -11.60 -14.18
C TYR A 327 -8.23 -11.93 -12.74
N VAL A 328 -7.71 -11.15 -11.79
CA VAL A 328 -8.10 -11.33 -10.40
C VAL A 328 -9.60 -11.08 -10.24
N TYR A 329 -10.09 -10.00 -10.85
CA TYR A 329 -11.49 -9.64 -10.74
C TYR A 329 -12.39 -10.72 -11.32
N ARG A 330 -11.95 -11.36 -12.40
CA ARG A 330 -12.70 -12.46 -12.99
C ARG A 330 -12.96 -13.56 -11.96
N HIS A 331 -11.98 -13.79 -11.08
CA HIS A 331 -12.07 -14.87 -10.11
C HIS A 331 -12.53 -14.38 -8.72
N TRP A 332 -12.86 -13.09 -8.65
CA TRP A 332 -13.35 -12.50 -7.41
C TRP A 332 -14.77 -12.95 -7.17
N ASN A 333 -15.03 -13.47 -5.97
CA ASN A 333 -16.36 -13.99 -5.65
C ASN A 333 -16.75 -13.73 -4.19
N GLU A 334 -18.03 -13.89 -3.89
CA GLU A 334 -18.55 -13.52 -2.57
C GLU A 334 -17.88 -14.27 -1.42
N ARG A 335 -17.20 -15.37 -1.74
CA ARG A 335 -16.61 -16.20 -0.70
C ARG A 335 -15.13 -15.90 -0.46
N GLY A 336 -14.62 -14.89 -1.14
CA GLY A 336 -13.21 -14.53 -1.02
C GLY A 336 -12.33 -15.33 -1.98
N ILE A 337 -11.04 -15.03 -2.00
CA ILE A 337 -10.11 -15.74 -2.88
C ILE A 337 -8.92 -16.36 -2.13
N GLY A 338 -8.43 -17.47 -2.65
CA GLY A 338 -7.19 -18.04 -2.15
C GLY A 338 -6.02 -17.53 -2.99
N TRP A 339 -4.80 -17.96 -2.66
CA TRP A 339 -3.63 -17.50 -3.41
C TRP A 339 -3.68 -18.05 -4.84
N GLY A 340 -4.38 -19.17 -5.01
CA GLY A 340 -4.63 -19.76 -6.31
C GLY A 340 -6.11 -19.81 -6.60
N ARG A 341 -6.47 -19.70 -7.88
CA ARG A 341 -7.88 -19.63 -8.25
C ARG A 341 -8.68 -20.90 -7.93
N LEU A 342 -7.99 -22.02 -7.72
CA LEU A 342 -8.71 -23.27 -7.44
C LEU A 342 -8.80 -23.64 -5.97
N ASN A 343 -8.30 -22.79 -5.09
CA ASN A 343 -8.38 -23.06 -3.67
C ASN A 343 -9.83 -23.24 -3.21
N PRO A 344 -10.10 -24.30 -2.44
CA PRO A 344 -11.48 -24.53 -1.97
C PRO A 344 -11.90 -23.60 -0.83
N ILE A 345 -10.94 -22.90 -0.22
CA ILE A 345 -11.25 -21.90 0.81
C ILE A 345 -10.49 -20.61 0.58
N ALA A 346 -11.11 -19.48 0.92
CA ALA A 346 -10.50 -18.18 0.74
C ALA A 346 -9.29 -18.00 1.67
N ASP A 347 -8.42 -17.07 1.29
CA ASP A 347 -7.22 -16.74 2.03
C ASP A 347 -7.32 -15.27 2.41
N LEU A 348 -7.15 -14.96 3.69
CA LEU A 348 -7.30 -13.57 4.13
C LEU A 348 -6.22 -12.66 3.54
N GLU A 349 -4.97 -13.11 3.54
CA GLU A 349 -3.89 -12.33 2.94
C GLU A 349 -4.23 -11.90 1.51
N THR A 350 -4.63 -12.87 0.70
CA THR A 350 -4.88 -12.61 -0.71
C THR A 350 -6.17 -11.83 -0.90
N THR A 351 -7.20 -12.21 -0.14
CA THR A 351 -8.49 -11.51 -0.21
C THR A 351 -8.35 -10.02 0.17
N ALA A 352 -7.69 -9.74 1.28
CA ALA A 352 -7.54 -8.35 1.73
C ALA A 352 -6.67 -7.54 0.77
N LEU A 353 -5.62 -8.15 0.23
CA LEU A 353 -4.79 -7.49 -0.77
C LEU A 353 -5.60 -7.20 -2.05
N GLY A 354 -6.34 -8.21 -2.52
CA GLY A 354 -7.21 -8.04 -3.68
C GLY A 354 -8.26 -6.96 -3.50
N PHE A 355 -8.92 -6.94 -2.33
CA PHE A 355 -9.92 -5.91 -2.07
C PHE A 355 -9.31 -4.51 -2.22
N ARG A 356 -8.16 -4.30 -1.60
CA ARG A 356 -7.53 -3.00 -1.66
C ARG A 356 -7.12 -2.58 -3.08
N LEU A 357 -6.40 -3.45 -3.79
CA LEU A 357 -5.92 -3.12 -5.13
C LEU A 357 -7.05 -2.94 -6.13
N LEU A 358 -8.06 -3.78 -6.03
CA LEU A 358 -9.21 -3.70 -6.91
C LEU A 358 -9.97 -2.40 -6.68
N ARG A 359 -10.24 -2.08 -5.42
CA ARG A 359 -10.98 -0.86 -5.11
C ARG A 359 -10.15 0.37 -5.50
N LEU A 360 -8.86 0.32 -5.17
CA LEU A 360 -7.93 1.38 -5.53
C LEU A 360 -7.86 1.59 -7.04
N HIS A 361 -8.19 0.57 -7.82
CA HIS A 361 -8.14 0.71 -9.28
C HIS A 361 -9.53 0.81 -9.88
N ARG A 362 -10.49 1.18 -9.05
CA ARG A 362 -11.84 1.53 -9.50
C ARG A 362 -12.71 0.35 -9.92
N TYR A 363 -12.32 -0.86 -9.50
CA TYR A 363 -13.20 -2.02 -9.63
C TYR A 363 -14.22 -1.99 -8.51
N ASN A 364 -15.41 -2.50 -8.77
CA ASN A 364 -16.47 -2.51 -7.77
C ASN A 364 -16.40 -3.74 -6.87
N VAL A 365 -15.90 -3.55 -5.65
CA VAL A 365 -15.86 -4.63 -4.68
C VAL A 365 -16.55 -4.19 -3.39
N SER A 366 -17.04 -5.18 -2.64
CA SER A 366 -17.80 -4.93 -1.42
C SER A 366 -17.05 -5.53 -0.24
N PRO A 367 -16.93 -4.75 0.84
CA PRO A 367 -16.18 -5.22 2.01
C PRO A 367 -16.95 -6.29 2.79
N ALA A 368 -18.10 -6.72 2.27
CA ALA A 368 -18.81 -7.83 2.87
C ALA A 368 -18.05 -9.15 2.68
N ILE A 369 -17.11 -9.18 1.72
CA ILE A 369 -16.30 -10.40 1.55
C ILE A 369 -15.56 -10.79 2.83
N PHE A 370 -15.30 -9.82 3.69
CA PHE A 370 -14.62 -10.08 4.96
C PHE A 370 -15.48 -10.81 5.99
N ASP A 371 -16.77 -10.97 5.68
CA ASP A 371 -17.63 -11.82 6.49
C ASP A 371 -17.10 -13.26 6.47
N ASN A 372 -16.45 -13.64 5.37
CA ASN A 372 -15.94 -15.00 5.23
C ASN A 372 -14.84 -15.35 6.24
N PHE A 373 -14.28 -14.35 6.91
CA PHE A 373 -13.23 -14.60 7.89
C PHE A 373 -13.67 -14.29 9.31
N LYS A 374 -14.96 -14.48 9.56
CA LYS A 374 -15.55 -14.18 10.86
C LYS A 374 -16.06 -15.45 11.56
N ASP A 375 -16.61 -15.29 12.77
CA ASP A 375 -17.19 -16.39 13.54
C ASP A 375 -18.63 -16.10 13.96
N ALA A 376 -18.91 -16.26 15.25
CA ALA A 376 -20.24 -16.00 15.80
C ALA A 376 -20.74 -14.60 15.45
N LYS A 379 -16.29 -11.83 16.13
CA LYS A 379 -16.02 -11.48 14.75
C LYS A 379 -14.83 -12.23 14.14
N PHE A 380 -13.74 -11.51 13.88
CA PHE A 380 -12.63 -12.05 13.10
C PHE A 380 -11.84 -13.16 13.82
N ILE A 381 -11.14 -13.98 13.03
CA ILE A 381 -10.32 -15.07 13.55
C ILE A 381 -8.84 -14.88 13.18
N CYS A 382 -8.42 -15.50 12.08
CA CYS A 382 -7.04 -15.44 11.60
C CYS A 382 -5.98 -15.38 12.71
N SER A 383 -5.95 -16.42 13.54
CA SER A 383 -4.93 -16.53 14.58
C SER A 383 -4.46 -17.97 14.63
N THR A 384 -4.36 -18.58 13.46
CA THR A 384 -4.14 -20.02 13.37
C THR A 384 -2.88 -20.43 12.60
N GLY A 385 -2.74 -19.96 11.36
CA GLY A 385 -1.67 -20.40 10.48
C GLY A 385 -0.25 -20.09 10.95
N GLN A 386 0.71 -20.06 10.03
CA GLN A 386 2.07 -19.74 10.43
C GLN A 386 2.24 -18.25 10.61
N PHE A 387 3.16 -17.87 11.49
CA PHE A 387 3.19 -16.51 12.03
C PHE A 387 3.28 -15.42 10.97
N ASN A 388 4.21 -15.58 10.03
CA ASN A 388 4.42 -14.55 9.02
C ASN A 388 3.18 -14.37 8.15
N LYS A 389 2.53 -15.48 7.83
CA LYS A 389 1.31 -15.42 7.06
C LYS A 389 0.20 -14.70 7.83
N ASP A 390 0.11 -14.97 9.13
CA ASP A 390 -0.90 -14.33 9.96
C ASP A 390 -0.68 -12.83 10.01
N VAL A 391 0.56 -12.42 10.23
CA VAL A 391 0.92 -11.01 10.24
C VAL A 391 0.64 -10.34 8.88
N ALA A 392 1.00 -11.02 7.79
CA ALA A 392 0.78 -10.47 6.46
C ALA A 392 -0.71 -10.23 6.23
N SER A 393 -1.53 -11.21 6.66
CA SER A 393 -2.99 -11.08 6.56
C SER A 393 -3.55 -9.86 7.27
N MET A 394 -3.04 -9.58 8.47
CA MET A 394 -3.52 -8.45 9.27
C MET A 394 -2.99 -7.11 8.77
N LEU A 395 -1.74 -7.10 8.29
CA LEU A 395 -1.24 -5.90 7.63
C LEU A 395 -2.14 -5.57 6.45
N ASN A 396 -2.42 -6.57 5.61
CA ASN A 396 -3.28 -6.35 4.44
C ASN A 396 -4.69 -5.93 4.82
N LEU A 397 -5.23 -6.51 5.89
CA LEU A 397 -6.56 -6.13 6.38
C LEU A 397 -6.53 -4.69 6.91
N TYR A 398 -5.52 -4.37 7.70
CA TYR A 398 -5.33 -3.00 8.18
C TYR A 398 -5.33 -2.01 7.03
N ARG A 399 -4.54 -2.30 6.00
CA ARG A 399 -4.44 -1.40 4.84
C ARG A 399 -5.76 -1.33 4.07
N ALA A 400 -6.40 -2.47 3.85
CA ALA A 400 -7.66 -2.50 3.14
C ALA A 400 -8.74 -1.69 3.88
N SER A 401 -8.69 -1.73 5.21
CA SER A 401 -9.72 -1.08 6.01
C SER A 401 -9.74 0.44 5.83
N GLN A 402 -8.62 1.00 5.38
CA GLN A 402 -8.52 2.45 5.23
C GLN A 402 -9.19 2.98 3.96
N LEU A 403 -9.65 2.08 3.11
CA LEU A 403 -10.32 2.45 1.87
C LEU A 403 -11.84 2.41 2.02
N ALA A 404 -12.30 2.75 3.21
CA ALA A 404 -13.73 2.65 3.54
C ALA A 404 -14.57 3.73 2.86
N PHE A 405 -15.71 3.30 2.32
CA PHE A 405 -16.72 4.23 1.83
C PHE A 405 -17.72 4.51 2.95
N PRO A 406 -18.56 5.55 2.80
CA PRO A 406 -19.56 5.87 3.82
C PRO A 406 -20.48 4.68 4.14
N GLY A 407 -20.75 4.44 5.42
CA GLY A 407 -21.64 3.37 5.84
C GLY A 407 -21.05 1.98 5.82
N GLU A 408 -19.75 1.87 5.55
CA GLU A 408 -19.11 0.55 5.55
C GLU A 408 -18.55 0.21 6.93
N ASN A 409 -19.47 -0.05 7.85
CA ASN A 409 -19.16 -0.35 9.25
C ASN A 409 -18.18 -1.51 9.45
N ILE A 410 -18.25 -2.52 8.59
CA ILE A 410 -17.40 -3.70 8.76
C ILE A 410 -15.92 -3.34 8.64
N LEU A 411 -15.61 -2.32 7.84
CA LEU A 411 -14.22 -1.87 7.68
C LEU A 411 -13.74 -1.13 8.93
N ASP A 412 -14.66 -0.44 9.60
CA ASP A 412 -14.37 0.17 10.89
C ASP A 412 -13.96 -0.91 11.91
N GLU A 413 -14.68 -2.04 11.89
CA GLU A 413 -14.38 -3.14 12.79
C GLU A 413 -13.04 -3.76 12.43
N ALA A 414 -12.85 -4.01 11.14
CA ALA A 414 -11.63 -4.61 10.63
C ALA A 414 -10.43 -3.81 11.10
N LYS A 415 -10.53 -2.48 10.97
CA LYS A 415 -9.45 -1.59 11.38
C LYS A 415 -9.11 -1.76 12.86
N SER A 416 -10.12 -1.64 13.72
CA SER A 416 -9.97 -1.87 15.15
C SER A 416 -9.30 -3.20 15.44
N PHE A 417 -9.85 -4.27 14.87
CA PHE A 417 -9.34 -5.59 15.10
C PHE A 417 -7.88 -5.72 14.64
N ALA A 418 -7.62 -5.37 13.38
CA ALA A 418 -6.27 -5.48 12.83
C ALA A 418 -5.26 -4.64 13.64
N THR A 419 -5.64 -3.42 13.99
CA THR A 419 -4.78 -2.59 14.84
C THR A 419 -4.39 -3.30 16.14
N LYS A 420 -5.40 -3.77 16.88
CA LYS A 420 -5.18 -4.51 18.11
C LYS A 420 -4.29 -5.72 17.89
N TYR A 421 -4.57 -6.49 16.84
CA TYR A 421 -3.74 -7.66 16.53
C TYR A 421 -2.28 -7.27 16.33
N LEU A 422 -2.06 -6.26 15.48
CA LEU A 422 -0.71 -5.82 15.15
C LEU A 422 0.05 -5.25 16.36
N ARG A 423 -0.65 -4.52 17.22
CA ARG A 423 -0.04 -4.02 18.46
C ARG A 423 0.42 -5.17 19.35
N GLU A 424 -0.37 -6.25 19.37
CA GLU A 424 0.00 -7.42 20.16
C GLU A 424 1.15 -8.18 19.51
N ALA A 425 1.13 -8.29 18.19
CA ALA A 425 2.20 -8.96 17.47
C ALA A 425 3.57 -8.36 17.82
N LEU A 426 3.63 -7.04 17.96
CA LEU A 426 4.88 -6.38 18.33
C LEU A 426 5.42 -6.90 19.66
N GLU A 427 4.52 -7.27 20.58
CA GLU A 427 4.90 -7.78 21.89
C GLU A 427 5.28 -9.26 21.89
N LYS A 428 5.04 -9.95 20.77
CA LYS A 428 5.32 -11.38 20.67
C LYS A 428 6.80 -11.66 20.43
N SER A 429 7.31 -12.76 20.98
CA SER A 429 8.71 -13.10 20.83
C SER A 429 9.05 -13.58 19.41
N GLU A 430 8.07 -14.13 18.70
CA GLU A 430 8.27 -14.58 17.33
C GLU A 430 8.67 -13.42 16.42
N THR A 431 8.20 -12.22 16.76
CA THR A 431 8.45 -11.04 15.96
C THR A 431 9.93 -10.67 15.98
N SER A 432 10.64 -11.13 16.99
CA SER A 432 12.06 -10.85 17.14
C SER A 432 12.91 -12.08 16.85
N SER A 433 12.42 -12.99 16.02
CA SER A 433 13.25 -14.12 15.61
C SER A 433 14.38 -13.59 14.73
N ALA A 434 15.48 -14.32 14.64
CA ALA A 434 16.60 -13.92 13.78
C ALA A 434 16.11 -13.64 12.36
N TRP A 435 15.26 -14.53 11.84
CA TRP A 435 14.68 -14.37 10.52
C TRP A 435 13.86 -13.10 10.38
N ASN A 436 13.01 -12.81 11.36
CA ASN A 436 12.14 -11.65 11.26
C ASN A 436 12.92 -10.36 11.44
N ASN A 437 13.96 -10.41 12.27
CA ASN A 437 14.84 -9.26 12.45
C ASN A 437 15.63 -8.96 11.18
N LYS A 438 16.05 -10.00 10.49
CA LYS A 438 16.82 -9.82 9.26
C LYS A 438 15.97 -9.13 8.21
N GLN A 439 14.65 -9.26 8.32
CA GLN A 439 13.75 -8.62 7.37
C GLN A 439 13.07 -7.36 7.95
N ASN A 440 13.45 -6.99 9.17
CA ASN A 440 12.89 -5.80 9.83
C ASN A 440 11.36 -5.82 9.95
N LEU A 441 10.83 -6.96 10.38
CA LEU A 441 9.39 -7.12 10.50
C LEU A 441 8.78 -6.12 11.49
N SER A 442 9.40 -5.98 12.65
CA SER A 442 8.84 -5.08 13.66
C SER A 442 8.79 -3.63 13.16
N GLN A 443 9.84 -3.22 12.44
CA GLN A 443 9.86 -1.89 11.82
C GLN A 443 8.73 -1.75 10.80
N GLU A 444 8.53 -2.76 9.98
CA GLU A 444 7.47 -2.72 8.99
C GLU A 444 6.11 -2.55 9.67
N ILE A 445 5.89 -3.32 10.74
CA ILE A 445 4.65 -3.25 11.50
C ILE A 445 4.47 -1.87 12.14
N LYS A 446 5.47 -1.42 12.88
CA LYS A 446 5.41 -0.08 13.49
C LYS A 446 5.15 0.97 12.43
N TYR A 447 5.78 0.84 11.27
CA TYR A 447 5.62 1.85 10.24
C TYR A 447 4.20 1.84 9.71
N ALA A 448 3.65 0.65 9.54
CA ALA A 448 2.27 0.48 9.08
C ALA A 448 1.29 1.16 10.03
N LEU A 449 1.50 0.99 11.33
CA LEU A 449 0.56 1.49 12.32
C LEU A 449 0.56 3.01 12.42
N LYS A 450 1.73 3.62 12.23
CA LYS A 450 1.84 5.07 12.34
C LYS A 450 1.51 5.74 11.02
N THR A 451 1.28 4.93 9.99
CA THR A 451 1.02 5.45 8.65
C THR A 451 -0.45 5.40 8.26
N SER A 452 -1.03 6.57 8.03
CA SER A 452 -2.40 6.67 7.58
C SER A 452 -2.40 6.88 6.07
N TRP A 453 -3.11 6.02 5.34
CA TRP A 453 -3.16 6.13 3.89
C TRP A 453 -3.62 7.50 3.39
N HIS A 454 -4.61 8.07 4.07
CA HIS A 454 -5.13 9.38 3.66
C HIS A 454 -4.12 10.49 3.93
N ALA A 455 -3.50 10.45 5.11
CA ALA A 455 -2.47 11.40 5.48
C ALA A 455 -1.08 10.93 5.04
N SER A 456 -0.89 10.77 3.73
CA SER A 456 0.40 10.33 3.16
C SER A 456 0.88 11.22 2.02
N VAL A 457 2.20 11.44 1.95
CA VAL A 457 2.84 12.10 0.81
C VAL A 457 3.25 11.05 -0.21
N PRO A 458 2.56 10.99 -1.36
CA PRO A 458 2.76 9.91 -2.34
C PRO A 458 4.20 9.76 -2.86
N ARG A 459 4.83 10.86 -3.26
CA ARG A 459 6.21 10.81 -3.74
C ARG A 459 7.15 10.32 -2.64
N VAL A 460 6.94 10.80 -1.42
CA VAL A 460 7.75 10.38 -0.28
C VAL A 460 7.60 8.90 0.10
N GLU A 461 6.38 8.37 -0.01
CA GLU A 461 6.15 6.96 0.28
C GLU A 461 6.86 6.07 -0.76
N ALA A 462 6.79 6.46 -2.02
CA ALA A 462 7.46 5.72 -3.08
C ALA A 462 8.98 5.76 -2.84
N LYS A 463 9.48 6.93 -2.48
CA LYS A 463 10.91 7.08 -2.19
C LYS A 463 11.31 6.15 -1.04
N ARG A 464 10.53 6.15 0.04
CA ARG A 464 10.81 5.30 1.19
C ARG A 464 10.75 3.82 0.83
N TYR A 465 9.83 3.44 -0.05
CA TYR A 465 9.71 2.04 -0.45
C TYR A 465 10.88 1.57 -1.32
N CYS A 466 11.41 2.46 -2.17
CA CYS A 466 12.60 2.13 -2.93
C CYS A 466 13.75 1.82 -2.00
N GLN A 467 13.65 2.30 -0.76
CA GLN A 467 14.70 2.09 0.23
C GLN A 467 14.47 0.84 1.07
N VAL A 468 13.29 0.22 0.91
CA VAL A 468 12.95 -0.95 1.70
C VAL A 468 12.75 -2.20 0.83
N TYR A 469 12.26 -2.00 -0.39
CA TYR A 469 12.04 -3.11 -1.33
C TYR A 469 13.29 -3.95 -1.51
N ARG A 470 13.13 -5.29 -1.47
CA ARG A 470 14.23 -6.22 -1.60
C ARG A 470 14.13 -7.13 -2.84
N PRO A 471 15.10 -7.02 -3.75
CA PRO A 471 15.14 -7.89 -4.94
C PRO A 471 15.22 -9.37 -4.58
N ASP A 472 15.90 -9.70 -3.48
CA ASP A 472 16.08 -11.10 -3.10
C ASP A 472 15.21 -11.52 -1.89
N TYR A 473 14.05 -10.86 -1.72
CA TYR A 473 13.12 -11.16 -0.61
C TYR A 473 12.71 -12.63 -0.56
N ALA A 474 12.85 -13.25 0.61
CA ALA A 474 12.43 -14.64 0.80
C ALA A 474 11.15 -14.74 1.64
N ARG A 475 10.21 -15.55 1.18
CA ARG A 475 8.94 -15.76 1.86
C ARG A 475 8.89 -17.13 2.53
N ILE A 476 7.94 -17.31 3.44
CA ILE A 476 7.78 -18.59 4.15
C ILE A 476 6.43 -19.23 3.87
N ALA A 477 6.45 -20.53 3.55
CA ALA A 477 5.28 -21.39 3.62
C ALA A 477 5.79 -22.75 4.09
N LYS A 478 5.45 -23.82 3.40
CA LYS A 478 5.98 -25.14 3.77
C LYS A 478 7.51 -25.13 3.70
N CYS A 479 8.06 -24.30 2.82
CA CYS A 479 9.50 -24.07 2.79
C CYS A 479 9.76 -22.59 2.51
N VAL A 480 11.02 -22.19 2.50
CA VAL A 480 11.38 -20.83 2.11
C VAL A 480 11.36 -20.75 0.58
N TYR A 481 10.71 -19.72 0.04
CA TYR A 481 10.60 -19.57 -1.41
C TYR A 481 10.68 -18.10 -1.84
N LYS A 482 10.94 -17.90 -3.13
CA LYS A 482 10.95 -16.56 -3.72
C LYS A 482 10.00 -16.51 -4.91
N LEU A 483 9.48 -15.32 -5.19
CA LEU A 483 8.72 -15.07 -6.42
C LEU A 483 9.47 -14.06 -7.26
N PRO A 484 10.27 -14.54 -8.23
CA PRO A 484 11.15 -13.61 -8.98
C PRO A 484 10.40 -12.56 -9.83
N TYR A 485 9.15 -12.82 -10.20
CA TYR A 485 8.35 -11.78 -10.88
C TYR A 485 7.98 -10.65 -9.94
N VAL A 486 7.98 -10.92 -8.63
CA VAL A 486 7.57 -9.93 -7.65
C VAL A 486 8.80 -9.20 -7.11
N ASN A 487 9.83 -9.97 -6.83
CA ASN A 487 11.06 -9.46 -6.23
C ASN A 487 12.26 -9.67 -7.15
N ASN A 488 12.77 -8.57 -7.70
CA ASN A 488 13.91 -8.62 -8.63
C ASN A 488 14.64 -7.29 -8.73
N GLU A 489 15.81 -7.31 -9.40
CA GLU A 489 16.67 -6.14 -9.55
C GLU A 489 16.07 -5.06 -10.44
N LYS A 490 15.41 -5.45 -11.51
CA LYS A 490 14.88 -4.48 -12.48
C LYS A 490 13.87 -3.51 -11.86
N PHE A 491 12.93 -4.03 -11.07
CA PHE A 491 11.93 -3.21 -10.40
C PHE A 491 12.60 -2.08 -9.61
N LEU A 492 13.60 -2.43 -8.82
CA LEU A 492 14.24 -1.46 -7.95
C LEU A 492 15.05 -0.49 -8.78
N GLU A 493 15.76 -1.02 -9.77
CA GLU A 493 16.58 -0.20 -10.63
C GLU A 493 15.73 0.89 -11.28
N LEU A 494 14.59 0.50 -11.86
CA LEU A 494 13.70 1.49 -12.45
C LEU A 494 13.15 2.41 -11.37
N GLY A 495 12.83 1.85 -10.21
CA GLY A 495 12.23 2.62 -9.14
C GLY A 495 13.12 3.79 -8.72
N LYS A 496 14.40 3.50 -8.50
CA LYS A 496 15.32 4.54 -8.06
C LYS A 496 15.55 5.55 -9.17
N LEU A 497 15.78 5.06 -10.38
CA LEU A 497 16.06 5.95 -11.50
C LEU A 497 14.87 6.86 -11.79
N ASP A 498 13.68 6.27 -11.87
CA ASP A 498 12.47 7.03 -12.18
C ASP A 498 12.26 8.11 -11.13
N PHE A 499 12.47 7.76 -9.86
CA PHE A 499 12.28 8.75 -8.81
C PHE A 499 13.22 9.94 -9.03
N ASN A 500 14.49 9.65 -9.29
CA ASN A 500 15.51 10.68 -9.46
C ASN A 500 15.27 11.58 -10.68
N ILE A 501 14.81 10.97 -11.76
CA ILE A 501 14.47 11.72 -12.97
C ILE A 501 13.33 12.69 -12.65
N ILE A 502 12.24 12.17 -12.09
CA ILE A 502 11.12 13.03 -11.73
C ILE A 502 11.59 14.18 -10.83
N GLN A 503 12.43 13.87 -9.85
CA GLN A 503 12.86 14.85 -8.88
C GLN A 503 13.70 15.94 -9.53
N SER A 504 14.57 15.56 -10.46
CA SER A 504 15.44 16.53 -11.10
C SER A 504 14.61 17.46 -11.95
N ILE A 505 13.58 16.91 -12.59
CA ILE A 505 12.65 17.73 -13.37
C ILE A 505 11.97 18.75 -12.46
N HIS A 506 11.58 18.32 -11.25
CA HIS A 506 10.93 19.24 -10.32
C HIS A 506 11.89 20.32 -9.83
N GLN A 507 13.16 19.95 -9.67
CA GLN A 507 14.17 20.92 -9.26
C GLN A 507 14.33 22.05 -10.27
N GLU A 508 14.23 21.72 -11.56
CA GLU A 508 14.26 22.76 -12.59
C GLU A 508 13.03 23.64 -12.51
N GLU A 509 11.89 23.03 -12.13
CA GLU A 509 10.66 23.79 -12.04
C GLU A 509 10.70 24.75 -10.86
N MET A 510 11.41 24.34 -9.81
CA MET A 510 11.50 25.15 -8.60
C MET A 510 12.37 26.37 -8.85
N LYS A 511 13.31 26.24 -9.79
CA LYS A 511 14.09 27.40 -10.21
C LYS A 511 13.19 28.42 -10.89
N ASN A 512 12.34 27.96 -11.79
CA ASN A 512 11.39 28.86 -12.45
C ASN A 512 10.47 29.49 -11.40
N VAL A 513 9.92 28.67 -10.51
CA VAL A 513 9.04 29.15 -9.45
C VAL A 513 9.67 30.26 -8.63
N THR A 514 10.87 30.01 -8.10
CA THR A 514 11.53 31.01 -7.25
C THR A 514 11.91 32.24 -8.07
N SER A 515 12.30 32.00 -9.33
CA SER A 515 12.63 33.10 -10.24
CA SER A 515 12.64 33.10 -10.23
C SER A 515 11.41 33.97 -10.47
N TRP A 516 10.26 33.34 -10.69
CA TRP A 516 9.02 34.10 -10.85
C TRP A 516 8.61 34.84 -9.56
N PHE A 517 8.71 34.16 -8.43
CA PHE A 517 8.29 34.73 -7.16
C PHE A 517 9.04 36.02 -6.89
N ARG A 518 10.35 35.97 -7.13
CA ARG A 518 11.24 37.10 -6.85
C ARG A 518 10.86 38.36 -7.63
N ASP A 519 10.41 38.20 -8.86
CA ASP A 519 10.10 39.32 -9.74
C ASP A 519 8.62 39.65 -9.73
N SER A 520 7.86 38.94 -8.90
CA SER A 520 6.40 38.99 -8.92
C SER A 520 5.81 40.16 -8.13
N GLY A 521 6.59 40.74 -7.23
CA GLY A 521 6.10 41.80 -6.35
C GLY A 521 5.55 41.29 -5.02
N LEU A 522 5.29 39.99 -4.95
CA LEU A 522 4.76 39.37 -3.73
C LEU A 522 5.67 39.53 -2.49
N PRO A 523 6.99 39.48 -2.69
CA PRO A 523 7.95 39.62 -1.58
C PRO A 523 7.85 40.97 -0.89
N LEU A 524 7.18 41.93 -1.52
CA LEU A 524 7.06 43.28 -0.96
C LEU A 524 6.10 43.31 0.24
N PHE A 525 5.14 42.38 0.27
CA PHE A 525 4.19 42.35 1.37
C PHE A 525 4.82 41.67 2.58
N THR A 526 5.56 42.46 3.35
CA THR A 526 6.37 41.93 4.43
C THR A 526 5.58 41.48 5.66
N PHE A 527 4.27 41.74 5.67
CA PHE A 527 3.41 41.23 6.73
C PHE A 527 3.05 39.76 6.51
N ALA A 528 3.27 39.27 5.28
CA ALA A 528 3.00 37.88 4.95
C ALA A 528 4.31 37.12 4.74
N ARG A 529 4.38 35.90 5.26
CA ARG A 529 5.57 35.07 5.10
C ARG A 529 5.68 34.50 3.67
N GLU A 530 6.91 34.40 3.15
CA GLU A 530 7.17 33.83 1.82
C GLU A 530 7.30 32.30 1.87
N ARG A 531 6.43 31.59 1.16
CA ARG A 531 6.44 30.13 1.22
C ARG A 531 6.30 29.43 -0.13
N PRO A 532 6.96 29.96 -1.17
CA PRO A 532 6.70 29.39 -2.50
C PRO A 532 7.02 27.89 -2.60
N LEU A 533 8.11 27.43 -2.00
CA LEU A 533 8.46 26.01 -2.06
C LEU A 533 7.45 25.12 -1.34
N GLU A 534 6.88 25.63 -0.25
CA GLU A 534 5.89 24.85 0.48
C GLU A 534 4.62 24.66 -0.33
N PHE A 535 4.20 25.70 -1.05
CA PHE A 535 3.04 25.58 -1.93
C PHE A 535 3.38 24.74 -3.17
N TYR A 536 4.60 24.85 -3.67
CA TYR A 536 5.00 24.00 -4.78
C TYR A 536 4.93 22.54 -4.33
N PHE A 537 5.50 22.26 -3.15
CA PHE A 537 5.51 20.90 -2.61
C PHE A 537 4.11 20.35 -2.46
N LEU A 538 3.18 21.19 -2.01
CA LEU A 538 1.79 20.77 -1.78
C LEU A 538 1.20 20.08 -3.01
N VAL A 539 1.54 20.56 -4.21
CA VAL A 539 0.99 19.96 -5.42
C VAL A 539 1.93 18.94 -6.05
N ALA A 540 3.22 19.27 -6.11
CA ALA A 540 4.20 18.42 -6.78
C ALA A 540 4.37 17.06 -6.10
N ALA A 541 4.15 17.02 -4.79
CA ALA A 541 4.35 15.79 -4.03
C ALA A 541 3.30 14.73 -4.35
N GLY A 542 2.19 15.16 -4.94
CA GLY A 542 1.14 14.24 -5.35
C GLY A 542 0.90 14.20 -6.85
N THR A 543 0.95 15.37 -7.49
CA THR A 543 0.81 15.45 -8.95
C THR A 543 2.18 15.72 -9.57
N TYR A 544 2.92 14.63 -9.81
CA TYR A 544 4.35 14.70 -10.12
C TYR A 544 4.70 14.53 -11.61
N GLU A 545 3.75 14.06 -12.41
CA GLU A 545 4.06 13.70 -13.80
C GLU A 545 4.61 14.87 -14.63
N PRO A 546 5.64 14.60 -15.45
CA PRO A 546 6.35 15.63 -16.21
C PRO A 546 5.44 16.52 -17.05
N GLN A 547 4.36 15.94 -17.60
CA GLN A 547 3.48 16.70 -18.48
C GLN A 547 2.62 17.75 -17.76
N TYR A 548 2.62 17.73 -16.43
CA TYR A 548 1.73 18.61 -15.64
C TYR A 548 2.49 19.78 -15.00
N ALA A 549 3.53 20.24 -15.68
CA ALA A 549 4.37 21.32 -15.18
C ALA A 549 3.59 22.62 -15.06
N LYS A 550 2.71 22.87 -16.02
CA LYS A 550 1.96 24.13 -16.05
C LYS A 550 0.97 24.15 -14.89
N CYS A 551 0.37 22.98 -14.61
CA CYS A 551 -0.54 22.80 -13.47
C CYS A 551 0.13 23.12 -12.13
N ARG A 552 1.30 22.53 -11.89
CA ARG A 552 2.04 22.80 -10.67
C ARG A 552 2.41 24.28 -10.56
N PHE A 553 2.84 24.86 -11.68
CA PHE A 553 3.29 26.25 -11.73
C PHE A 553 2.17 27.26 -11.40
N LEU A 554 1.04 27.14 -12.07
CA LEU A 554 -0.09 28.02 -11.83
C LEU A 554 -0.68 27.80 -10.43
N PHE A 555 -0.73 26.54 -9.99
CA PHE A 555 -1.17 26.23 -8.64
C PHE A 555 -0.31 27.01 -7.63
N THR A 556 1.00 27.03 -7.86
CA THR A 556 1.93 27.64 -6.92
C THR A 556 1.79 29.16 -6.89
N LYS A 557 1.51 29.76 -8.06
CA LYS A 557 1.29 31.21 -8.09
C LYS A 557 0.07 31.58 -7.26
N VAL A 558 -1.01 30.84 -7.46
CA VAL A 558 -2.26 31.16 -6.79
C VAL A 558 -2.12 30.98 -5.27
N ALA A 559 -1.48 29.90 -4.84
CA ALA A 559 -1.27 29.68 -3.40
C ALA A 559 -0.40 30.76 -2.75
N CYS A 560 0.56 31.29 -3.50
CA CYS A 560 1.41 32.39 -3.02
C CYS A 560 0.62 33.69 -2.87
N LEU A 561 -0.19 34.00 -3.86
CA LEU A 561 -1.10 35.14 -3.79
C LEU A 561 -2.04 35.02 -2.57
N GLN A 562 -2.59 33.83 -2.38
CA GLN A 562 -3.59 33.60 -1.33
C GLN A 562 -3.07 33.83 0.09
N THR A 563 -1.83 33.42 0.35
CA THR A 563 -1.29 33.58 1.69
C THR A 563 -1.17 35.06 2.05
N VAL A 564 -0.90 35.89 1.05
CA VAL A 564 -0.86 37.35 1.23
C VAL A 564 -2.27 37.91 1.43
N LEU A 565 -3.21 37.47 0.60
CA LEU A 565 -4.60 37.88 0.73
C LEU A 565 -5.14 37.49 2.10
N ASP A 566 -4.76 36.31 2.56
CA ASP A 566 -5.22 35.80 3.84
C ASP A 566 -4.75 36.68 5.00
N ASP A 567 -3.44 36.97 5.04
CA ASP A 567 -2.87 37.78 6.11
C ASP A 567 -3.39 39.21 6.04
N MET A 568 -3.71 39.66 4.84
CA MET A 568 -4.28 40.99 4.68
C MET A 568 -5.67 41.08 5.30
N TYR A 569 -6.49 40.06 5.07
CA TYR A 569 -7.87 40.06 5.55
C TYR A 569 -8.01 39.71 7.02
N ASP A 570 -7.23 38.77 7.52
CA ASP A 570 -7.43 38.36 8.91
C ASP A 570 -6.47 39.02 9.92
N THR A 571 -5.46 39.71 9.41
CA THR A 571 -4.45 40.33 10.28
C THR A 571 -4.20 41.80 9.96
N TYR A 572 -3.56 42.05 8.81
CA TYR A 572 -2.96 43.36 8.52
C TYR A 572 -3.95 44.49 8.23
N GLY A 573 -4.96 44.23 7.41
CA GLY A 573 -5.86 45.28 6.97
C GLY A 573 -6.85 45.74 8.04
N THR A 574 -7.31 46.99 7.92
CA THR A 574 -8.42 47.45 8.74
C THR A 574 -9.71 47.15 8.00
N LEU A 575 -10.81 47.11 8.74
CA LEU A 575 -12.10 46.82 8.12
C LEU A 575 -12.38 47.81 6.99
N ASP A 576 -12.15 49.10 7.24
CA ASP A 576 -12.40 50.12 6.23
C ASP A 576 -11.56 49.90 4.95
N GLU A 577 -10.27 49.65 5.10
CA GLU A 577 -9.45 49.25 3.96
C GLU A 577 -10.04 48.01 3.26
N LEU A 578 -10.39 47.00 4.05
CA LEU A 578 -10.86 45.74 3.48
C LEU A 578 -12.18 45.91 2.74
N LYS A 579 -13.03 46.82 3.21
CA LYS A 579 -14.27 47.12 2.51
C LYS A 579 -13.95 47.69 1.13
N LEU A 580 -13.00 48.62 1.08
CA LEU A 580 -12.53 49.15 -0.20
C LEU A 580 -11.98 48.07 -1.12
N PHE A 581 -11.13 47.21 -0.58
CA PHE A 581 -10.53 46.16 -1.40
C PHE A 581 -11.61 45.19 -1.89
N THR A 582 -12.60 44.94 -1.04
CA THR A 582 -13.65 43.99 -1.38
C THR A 582 -14.55 44.56 -2.48
N GLU A 583 -14.71 45.88 -2.47
CA GLU A 583 -15.47 46.56 -3.50
C GLU A 583 -14.76 46.50 -4.85
N ALA A 584 -13.44 46.68 -4.85
CA ALA A 584 -12.68 46.59 -6.08
C ALA A 584 -12.73 45.16 -6.62
N VAL A 585 -12.79 44.20 -5.72
CA VAL A 585 -12.90 42.81 -6.12
C VAL A 585 -14.16 42.61 -6.98
N ARG A 586 -15.25 43.27 -6.58
CA ARG A 586 -16.52 43.19 -7.31
C ARG A 586 -16.48 43.84 -8.69
N ARG A 587 -15.64 44.87 -8.83
CA ARG A 587 -15.66 45.71 -10.03
C ARG A 587 -14.77 45.21 -11.16
N TRP A 588 -13.71 44.49 -10.83
CA TRP A 588 -12.76 44.00 -11.83
C TRP A 588 -12.27 45.12 -12.74
N ASP A 589 -12.05 46.29 -12.13
CA ASP A 589 -11.59 47.46 -12.86
C ASP A 589 -10.25 47.93 -12.28
N LEU A 590 -9.20 47.80 -13.07
CA LEU A 590 -7.87 48.25 -12.65
C LEU A 590 -7.87 49.75 -12.34
N SER A 591 -8.59 50.52 -13.15
CA SER A 591 -8.63 51.97 -12.95
C SER A 591 -9.27 52.34 -11.60
N PHE A 592 -10.12 51.46 -11.08
CA PHE A 592 -10.84 51.74 -9.85
C PHE A 592 -9.93 51.75 -8.62
N THR A 593 -8.78 51.08 -8.71
CA THR A 593 -7.90 50.96 -7.56
C THR A 593 -7.32 52.28 -7.07
N GLU A 594 -7.53 53.36 -7.82
CA GLU A 594 -7.01 54.67 -7.40
C GLU A 594 -7.52 55.09 -6.02
N ASN A 595 -8.55 54.39 -5.52
CA ASN A 595 -9.12 54.70 -4.21
C ASN A 595 -8.35 54.03 -3.08
N LEU A 596 -7.65 52.96 -3.44
CA LEU A 596 -7.05 52.06 -2.46
C LEU A 596 -5.74 52.60 -1.90
N PRO A 597 -5.38 52.17 -0.68
CA PRO A 597 -4.07 52.45 -0.11
C PRO A 597 -3.00 51.88 -1.02
N ASP A 598 -1.80 52.44 -0.99
CA ASP A 598 -0.77 52.04 -1.94
C ASP A 598 -0.50 50.54 -1.94
N TYR A 599 -0.44 49.96 -0.75
CA TYR A 599 -0.11 48.54 -0.66
C TYR A 599 -1.21 47.69 -1.30
N MET A 600 -2.45 48.16 -1.20
CA MET A 600 -3.57 47.47 -1.82
C MET A 600 -3.65 47.68 -3.34
N LYS A 601 -3.19 48.83 -3.81
CA LYS A 601 -3.11 49.11 -5.25
C LYS A 601 -2.21 48.06 -5.90
N LEU A 602 -1.10 47.76 -5.23
CA LEU A 602 -0.16 46.76 -5.72
C LEU A 602 -0.76 45.36 -5.59
N CYS A 603 -1.41 45.11 -4.46
CA CYS A 603 -1.97 43.79 -4.23
C CYS A 603 -3.04 43.48 -5.27
N TYR A 604 -3.89 44.46 -5.55
CA TYR A 604 -4.94 44.25 -6.54
C TYR A 604 -4.35 43.92 -7.91
N GLN A 605 -3.28 44.60 -8.27
CA GLN A 605 -2.70 44.44 -9.60
C GLN A 605 -2.12 43.05 -9.81
N ILE A 606 -1.37 42.57 -8.81
CA ILE A 606 -0.80 41.23 -8.87
C ILE A 606 -1.94 40.21 -8.92
N TYR A 607 -2.93 40.42 -8.05
CA TYR A 607 -4.08 39.55 -7.98
C TYR A 607 -4.79 39.49 -9.33
N TYR A 608 -5.01 40.67 -9.93
CA TYR A 608 -5.67 40.76 -11.21
C TYR A 608 -4.88 40.03 -12.31
N ASP A 609 -3.56 40.22 -12.33
CA ASP A 609 -2.72 39.52 -13.33
C ASP A 609 -2.79 37.99 -13.17
N ILE A 610 -2.56 37.52 -11.96
CA ILE A 610 -2.54 36.09 -11.69
C ILE A 610 -3.86 35.40 -12.04
N VAL A 611 -4.97 36.02 -11.67
CA VAL A 611 -6.29 35.48 -12.01
C VAL A 611 -6.45 35.31 -13.51
N HIS A 612 -6.03 36.31 -14.27
CA HIS A 612 -6.25 36.29 -15.72
C HIS A 612 -5.21 35.50 -16.50
N GLU A 613 -4.04 35.27 -15.90
CA GLU A 613 -3.07 34.36 -16.50
C GLU A 613 -3.57 32.92 -16.37
N VAL A 614 -4.08 32.60 -15.19
CA VAL A 614 -4.63 31.28 -14.94
C VAL A 614 -5.80 31.06 -15.89
N ALA A 615 -6.66 32.07 -15.98
CA ALA A 615 -7.83 31.99 -16.85
C ALA A 615 -7.44 31.73 -18.30
N TRP A 616 -6.49 32.49 -18.82
CA TRP A 616 -6.02 32.31 -20.19
C TRP A 616 -5.51 30.88 -20.47
N GLU A 617 -4.66 30.37 -19.58
CA GLU A 617 -4.13 29.01 -19.73
C GLU A 617 -5.28 28.00 -19.72
N ALA A 618 -6.23 28.20 -18.80
CA ALA A 618 -7.36 27.30 -18.68
C ALA A 618 -8.19 27.31 -19.96
N GLU A 619 -8.46 28.50 -20.49
CA GLU A 619 -9.19 28.57 -21.75
C GLU A 619 -8.42 27.93 -22.90
N LYS A 620 -7.09 28.00 -22.85
CA LYS A 620 -6.26 27.39 -23.88
C LYS A 620 -6.42 25.88 -23.83
N GLU A 621 -6.31 25.33 -22.63
CA GLU A 621 -6.41 23.89 -22.44
C GLU A 621 -7.83 23.36 -22.69
N GLN A 622 -8.84 24.11 -22.25
CA GLN A 622 -10.21 23.62 -22.26
C GLN A 622 -10.99 23.96 -23.53
N GLY A 623 -10.56 25.00 -24.24
CA GLY A 623 -11.21 25.40 -25.47
C GLY A 623 -12.58 26.00 -25.25
N ARG A 624 -12.81 26.58 -24.08
CA ARG A 624 -14.08 27.25 -23.80
C ARG A 624 -13.89 28.38 -22.79
N GLU A 625 -14.87 29.29 -22.72
CA GLU A 625 -14.77 30.47 -21.88
C GLU A 625 -14.76 30.10 -20.39
N LEU A 626 -13.85 30.70 -19.63
CA LEU A 626 -13.71 30.37 -18.21
C LEU A 626 -13.39 31.59 -17.34
N VAL A 627 -13.16 32.73 -17.98
CA VAL A 627 -12.91 33.97 -17.24
C VAL A 627 -14.04 34.25 -16.24
N SER A 628 -15.28 34.21 -16.72
CA SER A 628 -16.43 34.49 -15.87
C SER A 628 -16.53 33.51 -14.70
N PHE A 629 -16.31 32.24 -14.98
CA PHE A 629 -16.32 31.20 -13.96
C PHE A 629 -15.23 31.40 -12.91
N PHE A 630 -14.03 31.76 -13.33
CA PHE A 630 -12.94 32.04 -12.39
C PHE A 630 -13.20 33.29 -11.54
N ARG A 631 -13.68 34.35 -12.19
CA ARG A 631 -14.00 35.57 -11.48
C ARG A 631 -15.03 35.31 -10.39
N LYS A 632 -16.07 34.55 -10.72
CA LYS A 632 -17.11 34.22 -9.74
C LYS A 632 -16.51 33.50 -8.54
N GLY A 633 -15.61 32.57 -8.82
CA GLY A 633 -14.92 31.83 -7.78
C GLY A 633 -14.09 32.72 -6.87
N TRP A 634 -13.36 33.67 -7.45
CA TRP A 634 -12.54 34.59 -6.66
C TRP A 634 -13.40 35.54 -5.83
N GLU A 635 -14.48 36.02 -6.43
CA GLU A 635 -15.45 36.85 -5.71
C GLU A 635 -15.95 36.15 -4.45
N ASP A 636 -16.42 34.91 -4.62
CA ASP A 636 -16.98 34.16 -3.49
C ASP A 636 -15.95 33.99 -2.38
N TYR A 637 -14.76 33.56 -2.78
CA TYR A 637 -13.63 33.41 -1.87
C TYR A 637 -13.43 34.70 -1.04
N LEU A 638 -13.15 35.80 -1.72
CA LEU A 638 -12.82 37.04 -1.01
C LEU A 638 -14.00 37.70 -0.26
N LEU A 639 -15.22 37.54 -0.76
CA LEU A 639 -16.38 37.99 -0.01
C LEU A 639 -16.47 37.19 1.28
N GLY A 640 -16.10 35.91 1.20
CA GLY A 640 -16.02 35.07 2.38
C GLY A 640 -15.06 35.64 3.40
N TYR A 641 -13.86 35.99 2.95
CA TYR A 641 -12.87 36.66 3.78
C TYR A 641 -13.45 37.91 4.46
N TYR A 642 -14.12 38.74 3.66
CA TYR A 642 -14.65 40.00 4.17
C TYR A 642 -15.73 39.77 5.22
N GLU A 643 -16.57 38.75 5.03
CA GLU A 643 -17.57 38.41 6.03
C GLU A 643 -16.88 38.05 7.35
N GLU A 644 -15.86 37.22 7.25
CA GLU A 644 -15.02 36.85 8.38
C GLU A 644 -14.36 38.10 8.98
N ALA A 645 -13.98 39.04 8.12
CA ALA A 645 -13.37 40.28 8.59
C ALA A 645 -14.38 41.07 9.42
N GLU A 646 -15.62 41.16 8.94
CA GLU A 646 -16.68 41.84 9.68
C GLU A 646 -16.91 41.21 11.04
N TRP A 647 -16.83 39.88 11.10
CA TRP A 647 -17.02 39.17 12.35
C TRP A 647 -15.94 39.55 13.36
N LEU A 648 -14.70 39.56 12.92
CA LEU A 648 -13.58 39.90 13.79
C LEU A 648 -13.77 41.30 14.37
N ALA A 649 -14.07 42.25 13.49
CA ALA A 649 -14.22 43.65 13.88
C ALA A 649 -15.34 43.83 14.90
N ALA A 650 -16.32 42.93 14.88
CA ALA A 650 -17.48 43.00 15.76
C ALA A 650 -17.36 42.01 16.92
N GLU A 651 -16.25 41.29 16.99
CA GLU A 651 -16.06 40.27 18.02
C GLU A 651 -17.28 39.34 18.08
N TYR A 652 -17.79 39.00 16.90
CA TYR A 652 -18.93 38.12 16.76
C TYR A 652 -18.46 36.67 16.66
N VAL A 653 -19.08 35.79 17.45
CA VAL A 653 -18.80 34.37 17.36
C VAL A 653 -19.99 33.69 16.71
N PRO A 654 -19.78 33.18 15.49
CA PRO A 654 -20.86 32.55 14.71
C PRO A 654 -21.27 31.22 15.31
N THR A 655 -22.46 30.75 14.96
CA THR A 655 -22.84 29.38 15.25
C THR A 655 -21.91 28.47 14.44
N LEU A 656 -21.76 27.22 14.86
CA LEU A 656 -20.92 26.30 14.11
C LEU A 656 -21.42 26.16 12.67
N ASP A 657 -22.73 26.15 12.48
CA ASP A 657 -23.28 26.10 11.12
C ASP A 657 -22.82 27.28 10.27
N GLU A 658 -22.87 28.49 10.83
CA GLU A 658 -22.41 29.69 10.14
C GLU A 658 -20.90 29.63 9.86
N TYR A 659 -20.15 29.18 10.87
CA TYR A 659 -18.71 29.06 10.76
C TYR A 659 -18.33 28.13 9.63
N ILE A 660 -18.98 26.97 9.57
CA ILE A 660 -18.64 25.98 8.57
C ILE A 660 -19.04 26.45 7.16
N LYS A 661 -20.24 27.00 7.05
CA LYS A 661 -20.71 27.55 5.80
C LYS A 661 -19.70 28.56 5.23
N ASN A 662 -19.31 29.53 6.04
CA ASN A 662 -18.34 30.54 5.63
C ASN A 662 -16.95 29.96 5.39
N GLY A 663 -16.50 29.11 6.32
CA GLY A 663 -15.18 28.53 6.25
C GLY A 663 -14.89 27.65 5.05
N ILE A 664 -15.92 26.98 4.53
CA ILE A 664 -15.78 26.14 3.35
C ILE A 664 -15.45 26.98 2.12
N THR A 665 -16.04 28.19 2.09
CA THR A 665 -15.85 29.13 1.00
C THR A 665 -14.57 29.95 1.16
N SER A 666 -14.32 30.43 2.38
CA SER A 666 -13.24 31.38 2.60
C SER A 666 -11.88 30.73 2.86
N ILE A 667 -11.83 29.42 3.05
CA ILE A 667 -10.53 28.80 3.27
C ILE A 667 -9.75 28.78 1.96
N GLY A 668 -10.48 28.92 0.84
CA GLY A 668 -9.88 29.18 -0.45
C GLY A 668 -9.26 28.00 -1.18
N GLN A 669 -9.52 26.80 -0.69
CA GLN A 669 -9.00 25.59 -1.32
C GLN A 669 -9.67 25.39 -2.66
N ARG A 670 -10.93 25.78 -2.75
CA ARG A 670 -11.68 25.54 -3.97
C ARG A 670 -11.04 26.26 -5.16
N ILE A 671 -10.90 27.58 -5.06
CA ILE A 671 -10.39 28.37 -6.17
C ILE A 671 -8.95 28.02 -6.48
N LEU A 672 -8.21 27.62 -5.45
CA LEU A 672 -6.83 27.16 -5.63
C LEU A 672 -6.80 25.84 -6.42
N LEU A 673 -7.68 24.91 -6.06
CA LEU A 673 -7.76 23.62 -6.75
C LEU A 673 -8.16 23.76 -8.21
N LEU A 674 -9.11 24.66 -8.49
CA LEU A 674 -9.56 24.90 -9.85
C LEU A 674 -8.43 25.48 -10.71
N SER A 675 -7.57 26.28 -10.08
CA SER A 675 -6.49 26.94 -10.78
C SER A 675 -5.41 25.96 -11.21
N GLY A 676 -5.51 24.71 -10.74
CA GLY A 676 -4.57 23.69 -11.15
C GLY A 676 -5.22 22.65 -12.03
N VAL A 677 -6.45 22.28 -11.69
CA VAL A 677 -7.12 21.13 -12.28
C VAL A 677 -7.64 21.40 -13.70
N LEU A 678 -7.90 22.68 -13.99
CA LEU A 678 -8.40 23.05 -15.31
C LEU A 678 -7.27 23.26 -16.33
N ILE A 679 -6.04 23.13 -15.88
CA ILE A 679 -4.88 23.28 -16.77
C ILE A 679 -3.93 22.08 -16.73
N MET A 680 -4.50 20.87 -16.76
CA MET A 680 -3.68 19.67 -16.81
C MET A 680 -3.57 19.20 -18.25
N ASP A 681 -2.34 19.17 -18.77
CA ASP A 681 -2.07 18.84 -20.16
C ASP A 681 -2.90 17.65 -20.67
N GLY A 682 -3.78 17.91 -21.63
CA GLY A 682 -4.57 16.87 -22.25
C GLY A 682 -5.78 16.37 -21.46
N GLN A 683 -6.15 17.07 -20.40
CA GLN A 683 -7.28 16.61 -19.59
C GLN A 683 -8.50 17.53 -19.74
N LEU A 684 -9.44 17.11 -20.58
CA LEU A 684 -10.60 17.93 -20.92
C LEU A 684 -11.74 17.79 -19.91
N LEU A 685 -12.15 18.92 -19.34
CA LEU A 685 -13.26 18.97 -18.39
C LEU A 685 -14.37 19.85 -18.92
N SER A 686 -15.44 19.23 -19.39
CA SER A 686 -16.60 20.01 -19.77
C SER A 686 -17.22 20.62 -18.52
N GLN A 687 -18.15 21.56 -18.71
CA GLN A 687 -18.85 22.12 -17.57
C GLN A 687 -19.52 20.99 -16.79
N GLU A 688 -20.19 20.11 -17.51
CA GLU A 688 -20.89 18.99 -16.89
C GLU A 688 -19.91 18.11 -16.11
N ALA A 689 -18.76 17.84 -16.71
CA ALA A 689 -17.74 17.04 -16.05
C ALA A 689 -17.23 17.73 -14.78
N LEU A 690 -16.90 19.03 -14.90
CA LEU A 690 -16.40 19.81 -13.76
C LEU A 690 -17.41 19.82 -12.61
N GLU A 691 -18.68 19.96 -12.94
CA GLU A 691 -19.69 20.05 -11.90
C GLU A 691 -19.82 18.76 -11.10
N LYS A 692 -19.23 17.68 -11.60
CA LYS A 692 -19.20 16.41 -10.87
C LYS A 692 -18.13 16.42 -9.78
N VAL A 693 -17.17 17.34 -9.88
CA VAL A 693 -16.10 17.42 -8.88
C VAL A 693 -16.02 18.78 -8.21
N ASP A 694 -16.78 19.74 -8.71
CA ASP A 694 -16.77 21.09 -8.16
C ASP A 694 -18.16 21.70 -8.28
N TYR A 695 -18.79 21.96 -7.14
CA TYR A 695 -20.13 22.48 -7.10
C TYR A 695 -20.41 22.95 -5.69
N PRO A 696 -20.19 24.25 -5.44
CA PRO A 696 -20.41 24.79 -4.09
C PRO A 696 -21.81 24.44 -3.59
N GLY A 697 -21.91 23.94 -2.36
CA GLY A 697 -23.18 23.52 -1.82
C GLY A 697 -23.40 22.01 -1.80
N ARG A 698 -22.68 21.29 -2.67
CA ARG A 698 -22.79 19.82 -2.72
C ARG A 698 -21.53 19.13 -2.21
N ARG A 699 -21.67 17.85 -1.88
CA ARG A 699 -20.56 17.10 -1.31
C ARG A 699 -19.73 16.43 -2.39
N VAL A 700 -19.08 17.26 -3.19
CA VAL A 700 -18.21 16.81 -4.25
C VAL A 700 -16.76 17.08 -3.85
N LEU A 701 -15.81 16.64 -4.68
CA LEU A 701 -14.39 16.66 -4.31
C LEU A 701 -13.86 18.00 -3.78
N THR A 702 -14.13 19.10 -4.47
CA THR A 702 -13.57 20.38 -4.03
C THR A 702 -14.22 20.85 -2.73
N GLU A 703 -15.51 20.56 -2.57
CA GLU A 703 -16.22 20.98 -1.36
C GLU A 703 -15.74 20.20 -0.14
N LEU A 704 -15.55 18.89 -0.33
CA LEU A 704 -15.09 18.01 0.73
C LEU A 704 -13.66 18.36 1.13
N ASN A 705 -12.85 18.73 0.16
CA ASN A 705 -11.48 19.17 0.44
C ASN A 705 -11.49 20.44 1.26
N SER A 706 -12.38 21.37 0.91
CA SER A 706 -12.46 22.62 1.65
C SER A 706 -12.83 22.35 3.10
N LEU A 707 -13.87 21.54 3.30
CA LEU A 707 -14.37 21.21 4.63
C LEU A 707 -13.32 20.49 5.46
N ILE A 708 -12.68 19.50 4.84
CA ILE A 708 -11.66 18.73 5.52
C ILE A 708 -10.49 19.62 5.90
N SER A 709 -10.08 20.51 5.00
CA SER A 709 -8.99 21.42 5.25
C SER A 709 -9.31 22.34 6.43
N ARG A 710 -10.46 22.97 6.39
CA ARG A 710 -10.88 23.87 7.45
C ARG A 710 -10.84 23.18 8.82
N LEU A 711 -11.45 22.00 8.89
CA LEU A 711 -11.58 21.31 10.17
C LEU A 711 -10.30 20.61 10.62
N ALA A 712 -9.56 20.03 9.69
CA ALA A 712 -8.28 19.43 10.04
C ALA A 712 -7.35 20.54 10.53
N ASP A 713 -7.46 21.72 9.93
CA ASP A 713 -6.72 22.89 10.40
C ASP A 713 -7.11 23.22 11.84
N ASP A 714 -8.41 23.39 12.08
CA ASP A 714 -8.88 23.71 13.43
C ASP A 714 -8.40 22.71 14.48
N THR A 715 -8.55 21.41 14.18
CA THR A 715 -8.13 20.36 15.12
C THR A 715 -6.62 20.36 15.36
N LYS A 716 -5.86 20.79 14.38
CA LYS A 716 -4.41 20.81 14.48
C LYS A 716 -3.93 22.01 15.29
N THR A 717 -4.63 23.13 15.13
CA THR A 717 -4.28 24.39 15.78
C THR A 717 -5.35 24.81 16.79
N TYR A 718 -6.06 25.89 16.50
CA TYR A 718 -7.16 26.35 17.37
C TYR A 718 -6.70 26.76 18.77
N LYS A 719 -5.80 25.98 19.37
CA LYS A 719 -5.25 26.32 20.68
C LYS A 719 -4.35 27.54 20.58
N ALA A 720 -3.59 27.62 19.50
CA ALA A 720 -2.70 28.75 19.27
C ALA A 720 -3.46 29.98 18.78
N LEU A 727 -9.38 34.92 16.50
CA LEU A 727 -10.78 35.25 16.67
C LEU A 727 -11.56 34.13 17.37
N ALA A 728 -11.91 33.08 16.61
CA ALA A 728 -12.63 31.92 17.15
C ALA A 728 -12.75 30.81 16.11
N SER A 729 -12.47 29.57 16.54
CA SER A 729 -12.50 28.41 15.67
C SER A 729 -13.79 27.60 15.80
N SER A 730 -13.85 26.47 15.10
CA SER A 730 -15.03 25.62 15.12
C SER A 730 -15.27 25.05 16.52
N ILE A 731 -14.18 24.70 17.19
CA ILE A 731 -14.29 24.25 18.57
C ILE A 731 -15.04 25.32 19.37
N GLU A 732 -14.51 26.54 19.39
CA GLU A 732 -15.12 27.62 20.16
C GLU A 732 -16.58 27.87 19.77
N CYS A 733 -16.91 27.64 18.50
CA CYS A 733 -18.26 27.89 18.01
C CYS A 733 -19.26 26.87 18.57
N TYR A 734 -18.84 25.61 18.63
CA TYR A 734 -19.67 24.55 19.17
C TYR A 734 -19.95 24.78 20.64
N MET A 735 -18.96 25.29 21.36
CA MET A 735 -19.11 25.56 22.78
C MET A 735 -20.00 26.76 23.05
N LYS A 736 -20.18 27.63 22.06
CA LYS A 736 -21.16 28.71 22.21
C LYS A 736 -22.55 28.17 21.92
N ASP A 737 -22.65 27.28 20.93
CA ASP A 737 -23.90 26.60 20.62
C ASP A 737 -24.33 25.69 21.75
N HIS A 738 -23.37 25.13 22.48
CA HIS A 738 -23.67 24.20 23.57
C HIS A 738 -22.94 24.57 24.87
N PRO A 739 -23.48 25.56 25.58
CA PRO A 739 -22.88 26.18 26.77
C PRO A 739 -22.37 25.19 27.81
N GLU A 740 -22.98 24.01 27.89
CA GLU A 740 -22.67 23.08 28.98
C GLU A 740 -21.60 22.05 28.61
N CYS A 741 -21.42 21.82 27.32
CA CYS A 741 -20.44 20.85 26.85
C CYS A 741 -19.01 21.29 27.15
N THR A 742 -18.13 20.30 27.34
CA THR A 742 -16.72 20.58 27.56
C THR A 742 -15.98 20.85 26.26
N GLU A 743 -14.68 21.15 26.40
CA GLU A 743 -13.79 21.34 25.27
C GLU A 743 -13.55 20.00 24.58
N GLU A 744 -13.44 18.95 25.37
CA GLU A 744 -13.28 17.59 24.86
C GLU A 744 -14.45 17.17 23.99
N GLU A 745 -15.67 17.33 24.51
CA GLU A 745 -16.87 17.03 23.74
C GLU A 745 -16.90 17.83 22.44
N ALA A 746 -16.49 19.10 22.50
CA ALA A 746 -16.44 19.95 21.33
C ALA A 746 -15.47 19.42 20.28
N LEU A 747 -14.25 19.10 20.69
CA LEU A 747 -13.27 18.53 19.77
C LEU A 747 -13.78 17.23 19.16
N ASP A 748 -14.33 16.36 19.99
CA ASP A 748 -14.85 15.08 19.54
C ASP A 748 -15.92 15.26 18.46
N HIS A 749 -16.77 16.26 18.64
CA HIS A 749 -17.79 16.53 17.64
C HIS A 749 -17.20 16.98 16.30
N ILE A 750 -16.13 17.75 16.35
CA ILE A 750 -15.47 18.19 15.13
C ILE A 750 -14.93 17.00 14.34
N TYR A 751 -14.33 16.05 15.04
CA TYR A 751 -13.88 14.82 14.42
C TYR A 751 -15.04 13.97 13.87
N SER A 752 -16.20 14.08 14.51
CA SER A 752 -17.37 13.35 14.03
C SER A 752 -17.86 13.90 12.70
N ILE A 753 -17.44 15.13 12.39
CA ILE A 753 -17.75 15.72 11.11
C ILE A 753 -16.65 15.37 10.10
N LEU A 754 -15.42 15.34 10.59
CA LEU A 754 -14.25 15.04 9.76
C LEU A 754 -14.28 13.62 9.19
N GLU A 755 -14.35 12.64 10.08
CA GLU A 755 -14.22 11.25 9.67
C GLU A 755 -15.15 10.82 8.52
N PRO A 756 -16.44 11.17 8.61
CA PRO A 756 -17.35 10.84 7.49
C PRO A 756 -16.97 11.57 6.20
N ALA A 757 -16.49 12.80 6.32
CA ALA A 757 -16.07 13.59 5.16
C ALA A 757 -14.95 12.92 4.39
N VAL A 758 -14.01 12.32 5.13
CA VAL A 758 -12.88 11.62 4.55
C VAL A 758 -13.30 10.35 3.80
N LYS A 759 -14.29 9.63 4.34
CA LYS A 759 -14.84 8.47 3.63
C LYS A 759 -15.48 8.87 2.31
N GLU A 760 -16.27 9.97 2.35
CA GLU A 760 -16.90 10.50 1.16
C GLU A 760 -15.88 10.96 0.13
N LEU A 761 -14.81 11.60 0.60
CA LEU A 761 -13.73 12.02 -0.28
C LEU A 761 -13.20 10.81 -1.04
N THR A 762 -12.98 9.73 -0.32
CA THR A 762 -12.43 8.51 -0.85
C THR A 762 -13.34 7.91 -1.92
N ARG A 763 -14.63 7.87 -1.65
CA ARG A 763 -15.58 7.33 -2.63
C ARG A 763 -15.65 8.22 -3.87
N GLU A 764 -15.70 9.53 -3.66
CA GLU A 764 -15.78 10.45 -4.78
C GLU A 764 -14.55 10.33 -5.68
N PHE A 765 -13.39 10.15 -5.08
CA PHE A 765 -12.16 9.93 -5.82
C PHE A 765 -12.23 8.65 -6.64
N LEU A 766 -12.53 7.54 -5.98
CA LEU A 766 -12.46 6.21 -6.59
C LEU A 766 -13.67 5.84 -7.45
N LYS A 767 -14.79 6.48 -7.17
CA LYS A 767 -16.02 6.27 -7.93
C LYS A 767 -15.76 6.17 -9.43
N PRO A 768 -16.43 5.22 -10.10
CA PRO A 768 -16.36 5.18 -11.56
C PRO A 768 -17.25 6.27 -12.17
N ASP A 769 -16.74 6.96 -13.20
CA ASP A 769 -17.50 8.01 -13.88
C ASP A 769 -16.76 8.45 -15.14
N ASP A 770 -17.27 9.50 -15.81
CA ASP A 770 -16.68 9.94 -17.07
C ASP A 770 -15.76 11.16 -16.89
N VAL A 771 -15.32 11.39 -15.66
CA VAL A 771 -14.39 12.47 -15.37
C VAL A 771 -12.95 11.97 -15.53
N PRO A 772 -12.13 12.71 -16.29
CA PRO A 772 -10.73 12.30 -16.48
C PRO A 772 -10.09 11.97 -15.13
N PHE A 773 -9.62 10.74 -14.96
CA PHE A 773 -9.14 10.30 -13.66
C PHE A 773 -7.97 11.13 -13.13
N ALA A 774 -7.13 11.63 -14.03
CA ALA A 774 -5.99 12.44 -13.65
C ALA A 774 -6.42 13.72 -12.90
N CYS A 775 -7.56 14.28 -13.29
CA CYS A 775 -8.12 15.44 -12.61
C CYS A 775 -8.59 15.07 -11.21
N LYS A 776 -9.29 13.96 -11.09
CA LYS A 776 -9.78 13.53 -9.78
C LYS A 776 -8.61 13.22 -8.86
N LYS A 777 -7.59 12.58 -9.41
CA LYS A 777 -6.41 12.21 -8.63
C LYS A 777 -5.67 13.46 -8.12
N MET A 778 -5.57 14.48 -8.97
CA MET A 778 -4.96 15.75 -8.58
C MET A 778 -5.67 16.38 -7.36
N LEU A 779 -7.00 16.38 -7.37
CA LEU A 779 -7.77 16.97 -6.28
C LEU A 779 -7.58 16.15 -5.00
N PHE A 780 -7.67 14.83 -5.14
CA PHE A 780 -7.51 13.93 -4.02
C PHE A 780 -6.12 13.99 -3.40
N GLU A 781 -5.09 13.91 -4.25
CA GLU A 781 -3.71 13.94 -3.77
C GLU A 781 -3.35 15.26 -3.07
N GLU A 782 -3.96 16.36 -3.50
CA GLU A 782 -3.75 17.63 -2.81
C GLU A 782 -4.39 17.60 -1.42
N THR A 783 -5.53 16.95 -1.32
CA THR A 783 -6.17 16.74 -0.03
C THR A 783 -5.27 15.87 0.86
N ARG A 784 -4.69 14.81 0.30
CA ARG A 784 -3.83 13.93 1.08
C ARG A 784 -2.61 14.65 1.66
N VAL A 785 -1.96 15.48 0.86
CA VAL A 785 -0.80 16.21 1.33
C VAL A 785 -1.21 17.25 2.38
N THR A 786 -2.35 17.90 2.16
CA THR A 786 -2.92 18.78 3.18
C THR A 786 -3.10 18.03 4.49
N MET A 787 -3.64 16.82 4.41
CA MET A 787 -3.93 16.02 5.61
C MET A 787 -2.66 15.61 6.32
N VAL A 788 -1.56 15.52 5.58
CA VAL A 788 -0.27 15.27 6.19
C VAL A 788 0.14 16.49 7.01
N ILE A 789 -0.01 17.65 6.40
CA ILE A 789 0.36 18.90 7.07
C ILE A 789 -0.37 19.11 8.40
N PHE A 790 -1.62 18.67 8.49
CA PHE A 790 -2.41 18.87 9.70
C PHE A 790 -2.70 17.61 10.51
N LYS A 791 -1.91 16.55 10.32
CA LYS A 791 -2.17 15.28 10.99
C LYS A 791 -1.90 15.33 12.50
N ASP A 792 -2.49 14.40 13.23
CA ASP A 792 -2.38 14.36 14.68
C ASP A 792 -2.69 15.71 15.31
N GLY A 793 -3.97 16.06 15.36
CA GLY A 793 -4.38 17.34 15.89
C GLY A 793 -4.47 17.40 17.40
N ASP A 794 -3.39 17.88 18.04
CA ASP A 794 -3.38 18.10 19.48
C ASP A 794 -3.81 19.52 19.82
N GLY A 795 -3.89 20.37 18.79
CA GLY A 795 -4.34 21.74 18.96
C GLY A 795 -3.20 22.75 19.06
N PHE A 796 -1.99 22.27 19.29
CA PHE A 796 -0.87 23.16 19.55
C PHE A 796 -0.51 24.06 18.37
N GLY A 797 -0.58 23.53 17.16
CA GLY A 797 -0.21 24.26 15.97
C GLY A 797 0.49 23.36 14.98
N VAL A 798 0.89 23.93 13.85
CA VAL A 798 1.60 23.16 12.83
C VAL A 798 3.11 23.16 13.07
N SER A 799 3.73 22.02 12.84
CA SER A 799 5.19 21.89 12.96
C SER A 799 5.86 22.36 11.68
N LYS A 800 6.39 23.58 11.70
CA LYS A 800 7.08 24.14 10.55
C LYS A 800 8.32 23.32 10.22
N LEU A 801 8.96 22.79 11.25
CA LEU A 801 10.20 22.05 11.11
C LEU A 801 10.02 20.77 10.30
N GLU A 802 8.86 20.14 10.43
CA GLU A 802 8.59 18.90 9.69
C GLU A 802 8.14 19.17 8.25
N VAL A 803 7.64 20.38 8.02
CA VAL A 803 7.27 20.81 6.68
C VAL A 803 8.52 20.87 5.81
N LYS A 804 9.57 21.45 6.37
CA LYS A 804 10.87 21.55 5.72
C LYS A 804 11.47 20.17 5.45
N ASP A 805 11.35 19.26 6.42
CA ASP A 805 11.94 17.93 6.29
C ASP A 805 11.28 17.15 5.16
N HIS A 806 10.01 17.44 4.91
CA HIS A 806 9.27 16.81 3.84
C HIS A 806 9.69 17.31 2.47
N ILE A 807 9.99 18.60 2.39
CA ILE A 807 10.50 19.20 1.17
C ILE A 807 11.90 18.66 0.86
N LYS A 808 12.75 18.61 1.87
CA LYS A 808 14.08 18.00 1.74
C LYS A 808 13.98 16.59 1.15
N GLU A 809 13.20 15.74 1.81
CA GLU A 809 13.11 14.32 1.45
C GLU A 809 12.54 14.14 0.04
N CYS A 810 11.54 14.95 -0.27
CA CYS A 810 10.77 14.80 -1.49
C CYS A 810 11.40 15.46 -2.71
N LEU A 811 11.92 16.68 -2.53
CA LEU A 811 12.35 17.52 -3.64
C LEU A 811 13.85 17.83 -3.73
N ILE A 812 14.58 17.71 -2.62
CA ILE A 812 15.96 18.18 -2.59
C ILE A 812 16.98 17.06 -2.73
N GLU A 813 16.85 16.02 -1.90
CA GLU A 813 17.82 14.92 -1.87
C GLU A 813 17.41 13.77 -2.78
N PRO A 814 18.31 13.37 -3.68
CA PRO A 814 18.00 12.25 -4.58
C PRO A 814 18.30 10.91 -3.94
N LEU A 815 17.81 9.83 -4.53
CA LEU A 815 18.17 8.50 -4.06
C LEU A 815 19.56 8.14 -4.55
N PRO A 816 20.36 7.52 -3.68
CA PRO A 816 21.68 7.07 -4.09
C PRO A 816 21.58 5.90 -5.06
N LEU A 817 22.39 5.89 -6.11
CA LEU A 817 22.44 4.77 -7.06
C LEU A 817 23.82 4.11 -7.04
CL CL B . 15.14 -11.18 2.55
MG MG C . -4.62 34.06 8.41
MG MG D . -5.50 29.51 11.36
MG MG E . -7.90 33.61 7.30
P1 911 F . -3.83 30.46 8.80
O2 911 F . -2.75 29.49 8.24
O3 911 F . -3.82 30.34 10.36
O5 911 F . -3.59 31.87 8.36
C7 911 F . -5.47 29.86 8.25
P8 911 F . -6.74 31.08 8.76
O9 911 F . -6.42 32.48 8.27
O10 911 F . -8.10 30.57 8.19
O12 911 F . -6.79 30.99 10.31
O14 911 F . -5.75 28.69 8.93
C16 911 F . -5.48 29.64 6.78
#